data_3LDP
#
_entry.id   3LDP
#
_cell.length_a   56.243
_cell.length_b   74.621
_cell.length_c   89.502
_cell.angle_alpha   90.00
_cell.angle_beta   99.80
_cell.angle_gamma   90.00
#
_symmetry.space_group_name_H-M   'P 1 21 1'
#
loop_
_entity.id
_entity.type
_entity.pdbx_description
1 polymer '78 kDa glucose-regulated protein'
2 non-polymer 8-[(quinolin-2-ylmethyl)amino]adenosine
3 water water
#
_entity_poly.entity_id   1
_entity_poly.type   'polypeptide(L)'
_entity_poly.pdbx_seq_one_letter_code
;GSDVGTVVGIDLGTTYSCVGVFKNGRVEIIANDQGNRITPSYVAFTPEGERLIGDAAKNQLTSNPENTVFDAKRLIGRTW
NDPSVQQDIKFLPFKVVEKKTKPYIQVDIGGGQTKTFAPEEISAMVLTKMKETAEAYLGKKVTHAVVTVPAYFNDAQRQA
TKDAGTIAGLNVMRIINEPTAAAIAYGLDKREGEKNILVFDLGGGTFDVSLLTIDNGVFEVVATNGDTHLGGEDFDQRVM
EHFIKLYKKKTGKDVRKDNRAVQKLRREVEKAKRALSSQHQARIEIESFYEGEDFSETLTRAKFEELNMDLFRSTMKPVQ
KVLEDSDLKKSDIDEIVLVGGSTRIPKIQQLVKEFFNGKEPSRGINPDEAVAYGAAVQAGVLSG
;
_entity_poly.pdbx_strand_id   A,B
#
loop_
_chem_comp.id
_chem_comp.type
_chem_comp.name
_chem_comp.formula
3P1 non-polymer 8-[(quinolin-2-ylmethyl)amino]adenosine 'C20 H21 N7 O4'
#
# COMPACT_ATOMS: atom_id res chain seq x y z
N ASP A 3 25.70 7.52 -2.53
CA ASP A 3 26.60 6.95 -3.57
C ASP A 3 25.78 6.40 -4.76
N VAL A 4 24.67 5.71 -4.47
CA VAL A 4 23.85 5.02 -5.47
C VAL A 4 22.76 5.84 -6.17
N GLY A 5 22.50 7.06 -5.72
CA GLY A 5 21.62 8.00 -6.44
C GLY A 5 20.18 7.54 -6.36
N THR A 6 19.33 8.02 -7.28
CA THR A 6 18.04 7.38 -7.50
C THR A 6 18.25 6.04 -8.26
N VAL A 7 17.76 4.97 -7.66
CA VAL A 7 17.82 3.69 -8.26
C VAL A 7 16.46 3.42 -8.89
N VAL A 8 16.51 2.77 -10.06
CA VAL A 8 15.33 2.48 -10.84
C VAL A 8 14.85 1.01 -10.74
N GLY A 9 13.54 0.82 -10.84
CA GLY A 9 12.95 -0.53 -10.93
C GLY A 9 12.72 -0.77 -12.38
N ILE A 10 13.36 -1.81 -12.91
CA ILE A 10 13.16 -2.28 -14.28
C ILE A 10 12.64 -3.72 -14.38
N ASP A 11 11.44 -3.81 -14.92
CA ASP A 11 10.95 -5.01 -15.58
C ASP A 11 11.58 -5.14 -17.01
N LEU A 12 12.55 -6.05 -17.15
CA LEU A 12 13.13 -6.39 -18.48
C LEU A 12 12.45 -7.66 -18.97
N GLY A 13 11.42 -7.43 -19.77
CA GLY A 13 10.49 -8.48 -20.12
C GLY A 13 10.82 -9.01 -21.48
N THR A 14 10.13 -10.10 -21.85
CA THR A 14 10.42 -10.78 -23.07
C THR A 14 10.09 -9.90 -24.25
N THR A 15 8.85 -9.40 -24.28
CA THR A 15 8.31 -8.62 -25.39
C THR A 15 8.28 -7.11 -25.02
N TYR A 16 7.92 -6.83 -23.76
CA TYR A 16 7.92 -5.45 -23.24
C TYR A 16 8.74 -5.23 -21.99
N SER A 17 9.15 -3.97 -21.84
CA SER A 17 9.89 -3.53 -20.69
C SER A 17 9.20 -2.35 -20.05
N CYS A 18 9.47 -2.19 -18.75
CA CYS A 18 8.91 -1.11 -17.94
C CYS A 18 9.97 -0.63 -16.99
N VAL A 19 10.12 0.70 -16.86
CA VAL A 19 10.89 1.30 -15.76
C VAL A 19 9.99 2.07 -14.78
N GLY A 20 10.28 1.92 -13.49
CA GLY A 20 9.64 2.69 -12.44
C GLY A 20 10.68 3.32 -11.55
N VAL A 21 10.25 4.28 -10.76
CA VAL A 21 11.12 5.03 -9.85
C VAL A 21 10.26 5.37 -8.61
N PHE A 22 10.89 5.63 -7.45
CA PHE A 22 10.17 6.06 -6.22
C PHE A 22 10.54 7.50 -5.98
N LYS A 23 9.52 8.35 -5.93
CA LYS A 23 9.71 9.78 -5.93
C LYS A 23 8.51 10.40 -5.21
N ASN A 24 8.82 11.29 -4.25
CA ASN A 24 7.78 11.96 -3.42
C ASN A 24 6.74 10.99 -2.82
N GLY A 25 7.23 9.86 -2.29
CA GLY A 25 6.40 8.91 -1.54
C GLY A 25 5.56 7.95 -2.35
N ARG A 26 5.79 7.96 -3.66
CA ARG A 26 5.00 7.20 -4.65
C ARG A 26 5.96 6.55 -5.66
N VAL A 27 5.57 5.40 -6.18
CA VAL A 27 6.21 4.78 -7.37
C VAL A 27 5.79 5.58 -8.60
N GLU A 28 6.76 6.10 -9.35
CA GLU A 28 6.45 6.70 -10.70
C GLU A 28 6.94 5.78 -11.81
N ILE A 29 5.99 5.14 -12.52
CA ILE A 29 6.22 4.60 -13.85
C ILE A 29 6.46 5.68 -14.93
N ILE A 30 7.61 5.55 -15.59
CA ILE A 30 8.08 6.54 -16.54
C ILE A 30 7.70 6.19 -18.00
N ALA A 31 7.22 7.17 -18.75
CA ALA A 31 6.89 6.97 -20.17
C ALA A 31 8.17 7.23 -20.96
N ASN A 32 8.37 6.53 -22.07
CA ASN A 32 9.53 6.78 -22.96
C ASN A 32 9.33 8.06 -23.82
N ASP A 33 10.32 8.36 -24.68
CA ASP A 33 10.26 9.54 -25.57
C ASP A 33 9.09 9.48 -26.58
N GLN A 34 8.35 8.35 -26.57
CA GLN A 34 7.22 8.14 -27.50
C GLN A 34 5.85 8.26 -26.84
N GLY A 35 5.88 8.53 -25.55
CA GLY A 35 4.68 8.72 -24.77
C GLY A 35 4.16 7.49 -24.09
N ASN A 36 4.98 6.42 -24.07
CA ASN A 36 4.58 5.05 -23.67
C ASN A 36 5.14 4.49 -22.34
N ARG A 37 4.31 3.88 -21.50
CA ARG A 37 4.74 3.45 -20.16
C ARG A 37 5.40 2.08 -20.21
N ILE A 38 5.31 1.45 -21.38
CA ILE A 38 6.04 0.24 -21.67
C ILE A 38 6.74 0.48 -22.98
N THR A 39 7.92 -0.16 -23.09
CA THR A 39 8.76 -0.19 -24.25
C THR A 39 8.96 -1.62 -24.74
N PRO A 40 8.72 -1.90 -26.05
CA PRO A 40 9.13 -3.14 -26.73
C PRO A 40 10.61 -3.50 -26.48
N SER A 41 10.87 -4.76 -26.14
CA SER A 41 12.26 -5.19 -25.93
C SER A 41 12.80 -5.50 -27.32
N TYR A 42 13.08 -4.41 -28.05
CA TYR A 42 13.37 -4.44 -29.50
C TYR A 42 14.52 -3.53 -29.84
N VAL A 43 15.28 -3.96 -30.81
CA VAL A 43 16.50 -3.34 -31.24
C VAL A 43 16.46 -3.58 -32.78
N ALA A 44 17.00 -2.62 -33.54
CA ALA A 44 16.99 -2.72 -34.97
C ALA A 44 18.09 -1.83 -35.50
N PHE A 45 18.63 -2.21 -36.66
CA PHE A 45 19.69 -1.43 -37.33
C PHE A 45 19.29 -1.11 -38.75
N THR A 46 18.82 0.10 -39.02
CA THR A 46 18.50 0.49 -40.39
C THR A 46 19.71 0.38 -41.37
N PRO A 47 19.44 0.19 -42.68
CA PRO A 47 20.52 0.27 -43.70
C PRO A 47 21.44 1.50 -43.63
N GLU A 48 20.94 2.61 -43.12
CA GLU A 48 21.75 3.82 -42.91
C GLU A 48 22.80 3.64 -41.80
N GLY A 49 22.59 2.67 -40.91
CA GLY A 49 23.51 2.41 -39.81
C GLY A 49 23.04 3.10 -38.54
N GLU A 50 21.71 3.16 -38.37
CA GLU A 50 21.12 3.85 -37.25
C GLU A 50 20.49 2.83 -36.32
N ARG A 51 21.04 2.73 -35.10
CA ARG A 51 20.60 1.76 -34.11
C ARG A 51 19.38 2.32 -33.39
N LEU A 52 18.25 1.66 -33.61
CA LEU A 52 16.95 2.03 -33.03
C LEU A 52 16.54 0.99 -32.00
N ILE A 53 16.18 1.46 -30.81
CA ILE A 53 15.69 0.57 -29.80
C ILE A 53 14.32 0.99 -29.29
N GLY A 54 13.41 0.03 -29.09
CA GLY A 54 12.11 0.36 -28.55
C GLY A 54 10.91 0.36 -29.49
N ASP A 55 10.02 1.33 -29.33
CA ASP A 55 8.93 1.55 -30.29
C ASP A 55 9.43 1.77 -31.73
N ALA A 56 10.48 2.58 -31.87
CA ALA A 56 11.14 2.87 -33.16
C ALA A 56 11.66 1.63 -33.89
N ALA A 57 12.24 0.68 -33.12
CA ALA A 57 12.61 -0.64 -33.66
C ALA A 57 11.38 -1.52 -33.95
N LYS A 58 10.39 -1.50 -33.06
CA LYS A 58 9.22 -2.36 -33.29
C LYS A 58 8.38 -1.87 -34.47
N ASN A 59 8.43 -0.57 -34.76
CA ASN A 59 7.57 -0.01 -35.79
C ASN A 59 8.02 -0.26 -37.23
N GLN A 60 9.27 -0.70 -37.39
CA GLN A 60 9.88 -0.85 -38.71
C GLN A 60 10.40 -2.27 -38.97
N LEU A 61 9.86 -3.20 -38.21
CA LEU A 61 10.31 -4.57 -38.25
C LEU A 61 9.79 -5.30 -39.49
N THR A 62 8.69 -4.79 -40.06
CA THR A 62 8.11 -5.36 -41.31
C THR A 62 9.06 -5.19 -42.51
N SER A 63 9.52 -3.96 -42.72
CA SER A 63 10.59 -3.70 -43.70
C SER A 63 12.02 -4.15 -43.33
N ASN A 64 12.28 -4.61 -42.11
CA ASN A 64 13.67 -5.00 -41.73
C ASN A 64 13.67 -6.26 -40.85
N PRO A 65 13.16 -7.40 -41.35
CA PRO A 65 12.91 -8.58 -40.50
C PRO A 65 14.17 -9.33 -40.10
N GLU A 66 15.23 -9.18 -40.90
CA GLU A 66 16.53 -9.80 -40.61
C GLU A 66 17.31 -9.05 -39.54
N ASN A 67 17.18 -7.72 -39.54
CA ASN A 67 18.00 -6.88 -38.68
C ASN A 67 17.22 -6.28 -37.50
N THR A 68 16.08 -6.88 -37.18
CA THR A 68 15.25 -6.46 -36.07
C THR A 68 15.30 -7.57 -35.05
N VAL A 69 16.01 -7.27 -33.97
CA VAL A 69 16.28 -8.22 -32.90
C VAL A 69 15.21 -8.06 -31.84
N PHE A 70 14.63 -9.18 -31.41
CA PHE A 70 13.62 -9.24 -30.39
C PHE A 70 13.77 -10.63 -29.72
N ASP A 71 13.10 -10.82 -28.58
CA ASP A 71 13.08 -12.11 -27.88
C ASP A 71 14.41 -12.62 -27.31
N ALA A 72 15.33 -11.69 -27.08
CA ALA A 72 16.66 -12.03 -26.55
C ALA A 72 16.66 -12.69 -25.15
N LYS A 73 15.59 -12.43 -24.37
CA LYS A 73 15.36 -13.10 -23.11
C LYS A 73 15.29 -14.61 -23.21
N ARG A 74 14.90 -15.10 -24.38
CA ARG A 74 14.88 -16.52 -24.66
C ARG A 74 16.32 -17.09 -24.81
N LEU A 75 17.28 -16.26 -25.21
CA LEU A 75 18.69 -16.68 -25.39
C LEU A 75 19.68 -16.28 -24.26
N ILE A 76 19.33 -15.28 -23.48
CA ILE A 76 20.19 -14.73 -22.41
C ILE A 76 20.59 -15.77 -21.33
N GLY A 77 21.90 -15.87 -21.09
CA GLY A 77 22.41 -16.76 -20.04
C GLY A 77 22.32 -18.22 -20.41
N ARG A 78 22.23 -18.50 -21.72
CA ARG A 78 22.07 -19.87 -22.21
C ARG A 78 23.30 -20.17 -23.09
N THR A 79 23.63 -21.46 -23.24
CA THR A 79 24.71 -21.86 -24.14
C THR A 79 24.13 -22.08 -25.52
N TRP A 80 24.97 -21.90 -26.54
CA TRP A 80 24.62 -22.24 -27.93
C TRP A 80 23.89 -23.57 -28.01
N ASN A 81 24.48 -24.63 -27.43
CA ASN A 81 23.95 -25.97 -27.58
C ASN A 81 22.77 -26.34 -26.67
N ASP A 82 22.35 -25.41 -25.83
CA ASP A 82 21.14 -25.59 -25.01
C ASP A 82 19.98 -26.01 -25.90
N PRO A 83 19.32 -27.14 -25.57
CA PRO A 83 18.17 -27.61 -26.35
C PRO A 83 17.15 -26.49 -26.60
N SER A 84 16.89 -25.69 -25.58
CA SER A 84 15.85 -24.66 -25.66
C SER A 84 16.24 -23.67 -26.74
N VAL A 85 17.54 -23.36 -26.83
CA VAL A 85 18.07 -22.40 -27.77
C VAL A 85 17.94 -22.94 -29.19
N GLN A 86 18.26 -24.22 -29.36
CA GLN A 86 18.23 -24.87 -30.64
C GLN A 86 16.80 -25.08 -31.09
N GLN A 87 15.89 -25.25 -30.15
CA GLN A 87 14.52 -25.04 -30.57
C GLN A 87 14.22 -23.56 -30.91
N ASP A 88 14.66 -22.60 -30.09
CA ASP A 88 14.19 -21.22 -30.24
C ASP A 88 14.64 -20.61 -31.60
N ILE A 89 15.85 -20.93 -32.03
CA ILE A 89 16.43 -20.21 -33.17
C ILE A 89 15.76 -20.56 -34.50
N LYS A 90 14.88 -21.56 -34.43
CA LYS A 90 14.14 -22.07 -35.57
C LYS A 90 13.00 -21.14 -35.90
N PHE A 91 12.64 -20.32 -34.92
CA PHE A 91 11.47 -19.46 -35.04
C PHE A 91 11.85 -17.99 -35.05
N LEU A 92 13.16 -17.73 -35.19
CA LEU A 92 13.70 -16.40 -35.02
C LEU A 92 14.34 -15.90 -36.29
N PRO A 93 13.76 -14.85 -36.88
CA PRO A 93 14.09 -14.46 -38.24
C PRO A 93 15.42 -13.72 -38.41
N PHE A 94 16.06 -13.27 -37.34
CA PHE A 94 17.44 -12.77 -37.40
C PHE A 94 18.38 -13.98 -37.18
N LYS A 95 19.65 -13.80 -37.49
CA LYS A 95 20.62 -14.91 -37.42
C LYS A 95 21.30 -15.03 -36.03
N VAL A 96 21.36 -16.26 -35.55
CA VAL A 96 22.01 -16.62 -34.29
C VAL A 96 23.12 -17.60 -34.65
N VAL A 97 24.36 -17.21 -34.31
CA VAL A 97 25.59 -18.03 -34.52
C VAL A 97 26.20 -18.57 -33.20
N GLU A 98 26.94 -19.68 -33.25
CA GLU A 98 27.70 -20.13 -32.10
C GLU A 98 28.92 -19.30 -31.98
N LYS A 99 29.08 -18.61 -30.84
CA LYS A 99 30.29 -17.84 -30.56
C LYS A 99 30.58 -17.77 -29.05
N LYS A 100 31.86 -18.00 -28.69
CA LYS A 100 32.26 -18.15 -27.28
C LYS A 100 31.23 -18.94 -26.49
N THR A 101 30.76 -20.03 -27.11
CA THR A 101 29.87 -21.07 -26.55
C THR A 101 28.39 -20.67 -26.46
N LYS A 102 28.13 -19.44 -26.88
CA LYS A 102 26.87 -18.75 -26.65
C LYS A 102 26.17 -18.50 -27.98
N PRO A 103 24.84 -18.23 -27.92
CA PRO A 103 24.12 -17.83 -29.10
C PRO A 103 24.21 -16.30 -29.35
N TYR A 104 25.20 -15.88 -30.15
CA TYR A 104 25.34 -14.48 -30.57
C TYR A 104 24.41 -14.07 -31.69
N ILE A 105 23.75 -12.93 -31.58
CA ILE A 105 22.86 -12.45 -32.62
C ILE A 105 23.78 -11.91 -33.68
N GLN A 106 23.58 -12.33 -34.92
CA GLN A 106 24.29 -11.70 -36.02
C GLN A 106 23.41 -10.76 -36.85
N VAL A 107 23.86 -9.53 -37.03
CA VAL A 107 23.10 -8.56 -37.82
C VAL A 107 23.92 -7.69 -38.79
N ASP A 108 23.23 -7.12 -39.77
CA ASP A 108 23.81 -6.08 -40.59
C ASP A 108 23.57 -4.69 -39.96
N ILE A 109 24.67 -4.03 -39.61
CA ILE A 109 24.71 -2.76 -38.88
C ILE A 109 24.49 -1.51 -39.79
N GLY A 110 24.40 -1.75 -41.10
CA GLY A 110 24.30 -0.69 -42.10
C GLY A 110 25.42 -0.85 -43.09
N GLY A 111 25.07 -0.74 -44.38
CA GLY A 111 26.01 -0.90 -45.51
C GLY A 111 26.54 -2.30 -45.65
N GLY A 112 25.72 -3.30 -45.30
CA GLY A 112 26.12 -4.70 -45.33
C GLY A 112 27.17 -5.10 -44.29
N GLN A 113 27.49 -4.16 -43.40
CA GLN A 113 28.56 -4.37 -42.42
C GLN A 113 28.06 -5.25 -41.28
N THR A 114 28.78 -6.32 -41.03
CA THR A 114 28.32 -7.38 -40.13
C THR A 114 28.82 -7.11 -38.73
N LYS A 115 27.96 -7.41 -37.76
CA LYS A 115 28.34 -7.44 -36.35
C LYS A 115 27.58 -8.57 -35.68
N THR A 116 28.21 -9.23 -34.73
CA THR A 116 27.52 -10.16 -33.82
C THR A 116 27.36 -9.49 -32.46
N PHE A 117 26.32 -9.86 -31.71
CA PHE A 117 26.06 -9.32 -30.35
C PHE A 117 25.62 -10.48 -29.52
N ALA A 118 26.17 -10.62 -28.32
CA ALA A 118 25.72 -11.63 -27.32
C ALA A 118 24.32 -11.25 -26.83
N PRO A 119 23.51 -12.23 -26.38
CA PRO A 119 22.18 -11.85 -25.96
C PRO A 119 22.20 -10.74 -24.92
N GLU A 120 23.25 -10.72 -24.09
CA GLU A 120 23.41 -9.70 -23.06
C GLU A 120 23.68 -8.29 -23.61
N GLU A 121 24.27 -8.21 -24.78
CA GLU A 121 24.56 -6.92 -25.41
C GLU A 121 23.34 -6.25 -26.03
N ILE A 122 22.35 -7.08 -26.39
CA ILE A 122 21.12 -6.64 -26.96
C ILE A 122 20.27 -6.10 -25.85
N SER A 123 20.13 -6.91 -24.80
CA SER A 123 19.44 -6.50 -23.62
C SER A 123 20.09 -5.30 -22.96
N ALA A 124 21.42 -5.21 -23.03
CA ALA A 124 22.03 -3.99 -22.58
C ALA A 124 21.51 -2.78 -23.39
N MET A 125 21.26 -2.93 -24.70
CA MET A 125 20.68 -1.82 -25.47
C MET A 125 19.30 -1.45 -24.95
N VAL A 126 18.51 -2.47 -24.66
CA VAL A 126 17.15 -2.27 -24.17
C VAL A 126 17.20 -1.58 -22.81
N LEU A 127 18.10 -2.05 -21.96
CA LEU A 127 18.34 -1.44 -20.67
C LEU A 127 18.86 -0.01 -20.79
N THR A 128 19.70 0.28 -21.77
CA THR A 128 20.14 1.68 -21.99
C THR A 128 18.96 2.61 -22.30
N LYS A 129 17.99 2.12 -23.03
CA LYS A 129 16.81 2.89 -23.37
C LYS A 129 15.97 3.12 -22.13
N MET A 130 15.87 2.12 -21.27
CA MET A 130 15.13 2.27 -20.03
C MET A 130 15.88 3.29 -19.20
N LYS A 131 17.20 3.16 -19.17
CA LYS A 131 18.06 4.05 -18.44
C LYS A 131 17.96 5.50 -18.94
N GLU A 132 17.93 5.73 -20.27
CA GLU A 132 17.73 7.10 -20.78
C GLU A 132 16.26 7.53 -20.57
N THR A 133 15.33 6.57 -20.55
CA THR A 133 13.93 6.89 -20.26
C THR A 133 13.79 7.47 -18.85
N ALA A 134 14.42 6.81 -17.88
CA ALA A 134 14.45 7.29 -16.48
C ALA A 134 15.17 8.65 -16.27
N GLU A 135 16.37 8.76 -16.82
CA GLU A 135 17.15 9.98 -16.72
C GLU A 135 16.52 11.19 -17.37
N ALA A 136 15.58 11.00 -18.29
CA ALA A 136 14.94 12.17 -18.90
C ALA A 136 13.87 12.69 -17.95
N TYR A 137 13.20 11.79 -17.23
CA TYR A 137 12.18 12.15 -16.20
C TYR A 137 12.73 12.85 -14.96
N LEU A 138 13.95 12.46 -14.59
CA LEU A 138 14.61 12.81 -13.34
C LEU A 138 15.48 14.05 -13.45
N GLY A 139 15.93 14.36 -14.67
CA GLY A 139 16.87 15.44 -14.92
C GLY A 139 18.31 15.07 -14.55
N LYS A 140 18.60 13.81 -14.26
CA LYS A 140 19.95 13.45 -13.79
C LYS A 140 20.39 12.05 -14.29
N LYS A 141 21.69 11.78 -14.24
CA LYS A 141 22.18 10.44 -14.55
C LYS A 141 21.80 9.44 -13.48
N VAL A 142 21.45 8.24 -13.93
CA VAL A 142 21.11 7.09 -13.09
C VAL A 142 22.31 6.12 -13.23
N THR A 143 22.70 5.46 -12.14
CA THR A 143 23.84 4.51 -12.09
C THR A 143 23.47 3.11 -11.53
N HIS A 144 22.35 3.01 -10.81
CA HIS A 144 22.04 1.76 -10.12
C HIS A 144 20.61 1.36 -10.38
N ALA A 145 20.35 0.06 -10.34
CA ALA A 145 19.05 -0.45 -10.72
C ALA A 145 18.66 -1.75 -10.00
N VAL A 146 17.36 -1.97 -9.95
CA VAL A 146 16.80 -3.24 -9.51
C VAL A 146 16.18 -3.82 -10.79
N VAL A 147 16.64 -5.00 -11.20
CA VAL A 147 16.15 -5.59 -12.43
C VAL A 147 15.43 -6.86 -12.04
N THR A 148 14.37 -7.19 -12.73
CA THR A 148 13.67 -8.47 -12.42
C THR A 148 13.96 -9.60 -13.44
N VAL A 149 13.82 -10.85 -12.95
CA VAL A 149 13.90 -12.00 -13.80
C VAL A 149 12.73 -12.95 -13.47
N PRO A 150 12.38 -13.87 -14.39
CA PRO A 150 11.39 -14.90 -14.05
C PRO A 150 11.97 -15.85 -13.00
N ALA A 151 11.08 -16.46 -12.23
CA ALA A 151 11.44 -17.20 -11.01
C ALA A 151 12.28 -18.43 -11.35
N TYR A 152 12.09 -18.97 -12.57
CA TYR A 152 12.85 -20.12 -13.06
C TYR A 152 14.27 -19.79 -13.53
N PHE A 153 14.68 -18.53 -13.60
CA PHE A 153 16.02 -18.23 -14.11
C PHE A 153 17.08 -18.85 -13.20
N ASN A 154 18.11 -19.40 -13.79
CA ASN A 154 19.15 -20.09 -13.04
C ASN A 154 20.34 -19.14 -12.90
N ASP A 155 21.45 -19.61 -12.32
CA ASP A 155 22.59 -18.73 -12.01
C ASP A 155 23.09 -17.97 -13.20
N ALA A 156 23.26 -18.68 -14.31
CA ALA A 156 23.81 -18.08 -15.53
C ALA A 156 22.90 -17.05 -16.19
N GLN A 157 21.60 -17.29 -16.15
CA GLN A 157 20.59 -16.36 -16.63
C GLN A 157 20.49 -15.08 -15.77
N ARG A 158 20.44 -15.25 -14.45
CA ARG A 158 20.53 -14.15 -13.49
C ARG A 158 21.83 -13.31 -13.73
N GLN A 159 22.99 -13.95 -13.81
CA GLN A 159 24.28 -13.27 -14.01
C GLN A 159 24.42 -12.47 -15.33
N ALA A 160 23.89 -13.05 -16.40
CA ALA A 160 23.98 -12.50 -17.70
C ALA A 160 23.07 -11.26 -17.77
N THR A 161 21.96 -11.29 -17.01
CA THR A 161 21.09 -10.10 -16.83
C THR A 161 21.83 -8.94 -16.11
N LYS A 162 22.68 -9.29 -15.15
CA LYS A 162 23.53 -8.30 -14.45
C LYS A 162 24.61 -7.72 -15.33
N ASP A 163 25.19 -8.58 -16.19
CA ASP A 163 26.11 -8.12 -17.26
C ASP A 163 25.42 -7.22 -18.31
N ALA A 164 24.20 -7.57 -18.73
CA ALA A 164 23.42 -6.66 -19.62
C ALA A 164 23.40 -5.32 -18.97
N GLY A 165 22.95 -5.29 -17.71
CA GLY A 165 23.11 -4.13 -16.83
C GLY A 165 24.46 -3.45 -16.86
N THR A 166 25.53 -4.15 -16.51
CA THR A 166 26.85 -3.52 -16.48
C THR A 166 27.19 -2.79 -17.78
N ILE A 167 26.83 -3.40 -18.90
CA ILE A 167 27.20 -2.93 -20.26
C ILE A 167 26.46 -1.61 -20.54
N ALA A 168 25.22 -1.57 -20.05
CA ALA A 168 24.34 -0.39 -20.11
C ALA A 168 24.79 0.72 -19.18
N GLY A 169 25.82 0.48 -18.38
CA GLY A 169 26.28 1.46 -17.40
C GLY A 169 25.45 1.48 -16.12
N LEU A 170 24.82 0.35 -15.83
CA LEU A 170 23.88 0.19 -14.73
C LEU A 170 24.49 -0.80 -13.73
N ASN A 171 24.45 -0.45 -12.46
CA ASN A 171 24.92 -1.40 -11.49
C ASN A 171 23.66 -2.03 -11.03
N VAL A 172 23.45 -3.31 -11.35
CA VAL A 172 22.27 -4.01 -10.86
C VAL A 172 22.51 -4.44 -9.40
N MET A 173 22.12 -3.59 -8.46
CA MET A 173 22.24 -3.95 -7.02
C MET A 173 21.48 -5.21 -6.60
N ARG A 174 20.30 -5.43 -7.16
CA ARG A 174 19.41 -6.51 -6.77
C ARG A 174 18.82 -7.18 -8.03
N ILE A 175 18.74 -8.51 -8.04
CA ILE A 175 17.87 -9.21 -8.97
C ILE A 175 16.71 -9.83 -8.17
N ILE A 176 15.49 -9.49 -8.54
CA ILE A 176 14.31 -9.94 -7.83
C ILE A 176 13.49 -10.78 -8.80
N ASN A 177 12.85 -11.84 -8.33
CA ASN A 177 11.93 -12.56 -9.21
C ASN A 177 10.69 -11.75 -9.61
N GLU A 178 10.24 -11.98 -10.83
CA GLU A 178 9.08 -11.29 -11.41
C GLU A 178 7.80 -11.47 -10.64
N PRO A 179 7.44 -12.72 -10.27
CA PRO A 179 6.15 -12.89 -9.56
C PRO A 179 6.21 -12.32 -8.14
N THR A 180 7.42 -12.21 -7.59
CA THR A 180 7.71 -11.62 -6.29
C THR A 180 7.55 -10.08 -6.31
N ALA A 181 8.14 -9.44 -7.31
CA ALA A 181 8.00 -7.98 -7.51
C ALA A 181 6.53 -7.60 -7.62
N ALA A 182 5.76 -8.42 -8.34
CA ALA A 182 4.32 -8.26 -8.46
C ALA A 182 3.67 -8.30 -7.10
N ALA A 183 4.10 -9.23 -6.27
CA ALA A 183 3.49 -9.46 -4.96
C ALA A 183 3.78 -8.26 -4.07
N ILE A 184 5.02 -7.77 -4.17
CA ILE A 184 5.47 -6.51 -3.54
C ILE A 184 4.66 -5.30 -4.04
N ALA A 185 4.27 -5.28 -5.32
CA ALA A 185 3.50 -4.12 -5.84
C ALA A 185 2.16 -4.02 -5.11
N TYR A 186 1.54 -5.18 -4.84
CA TYR A 186 0.31 -5.23 -4.05
C TYR A 186 0.59 -5.24 -2.54
N GLY A 187 1.82 -4.90 -2.16
CA GLY A 187 2.25 -4.93 -0.76
C GLY A 187 1.93 -6.22 -0.01
N LEU A 188 1.79 -7.34 -0.68
CA LEU A 188 1.40 -8.56 0.04
C LEU A 188 2.47 -8.97 1.08
N ASP A 189 3.63 -8.31 1.02
CA ASP A 189 4.73 -8.48 1.96
C ASP A 189 4.62 -7.58 3.21
N LYS A 190 3.46 -6.95 3.39
CA LYS A 190 3.27 -5.96 4.46
C LYS A 190 2.23 -6.45 5.45
N ARG A 191 2.13 -7.77 5.55
CA ARG A 191 1.21 -8.38 6.49
C ARG A 191 1.95 -9.41 7.34
N GLU A 192 1.42 -9.63 8.54
CA GLU A 192 1.87 -10.70 9.38
C GLU A 192 1.13 -11.94 8.86
N GLY A 193 1.76 -13.11 8.96
CA GLY A 193 1.13 -14.35 8.54
C GLY A 193 2.08 -15.24 7.75
N GLU A 194 1.58 -16.42 7.44
CA GLU A 194 2.14 -17.33 6.45
C GLU A 194 1.00 -17.44 5.41
N LYS A 195 1.28 -17.01 4.18
CA LYS A 195 0.25 -17.05 3.12
C LYS A 195 0.78 -17.57 1.80
N ASN A 196 -0.12 -18.20 1.02
CA ASN A 196 0.20 -18.71 -0.31
C ASN A 196 -0.29 -17.74 -1.36
N ILE A 197 0.56 -17.51 -2.35
CA ILE A 197 0.25 -16.58 -3.39
C ILE A 197 0.43 -17.27 -4.72
N LEU A 198 -0.61 -17.21 -5.53
CA LEU A 198 -0.54 -17.65 -6.90
C LEU A 198 -0.46 -16.45 -7.83
N VAL A 199 0.70 -16.33 -8.49
CA VAL A 199 0.86 -15.39 -9.59
C VAL A 199 0.63 -16.11 -10.93
N PHE A 200 -0.28 -15.53 -11.72
CA PHE A 200 -0.74 -16.06 -12.96
C PHE A 200 -0.37 -14.96 -13.94
N ASP A 201 0.71 -15.18 -14.68
CA ASP A 201 1.32 -14.12 -15.50
C ASP A 201 1.25 -14.53 -16.94
N LEU A 202 0.40 -13.82 -17.70
CA LEU A 202 0.19 -14.11 -19.11
C LEU A 202 0.51 -12.86 -19.91
N GLY A 203 1.69 -12.87 -20.53
CA GLY A 203 2.24 -11.74 -21.28
C GLY A 203 2.12 -11.95 -22.77
N GLY A 204 2.97 -11.24 -23.52
CA GLY A 204 2.90 -11.23 -24.99
C GLY A 204 3.21 -12.56 -25.65
N GLY A 205 4.24 -13.26 -25.15
CA GLY A 205 4.69 -14.52 -25.71
C GLY A 205 5.03 -15.62 -24.72
N THR A 206 4.64 -15.43 -23.45
CA THR A 206 4.91 -16.38 -22.38
C THR A 206 3.74 -16.38 -21.40
N PHE A 207 3.55 -17.54 -20.77
CA PHE A 207 2.62 -17.78 -19.70
C PHE A 207 3.38 -18.41 -18.54
N ASP A 208 3.34 -17.76 -17.39
CA ASP A 208 4.08 -18.23 -16.22
C ASP A 208 3.13 -18.26 -15.04
N VAL A 209 3.16 -19.36 -14.28
CA VAL A 209 2.34 -19.47 -13.07
C VAL A 209 3.29 -19.81 -11.95
N SER A 210 3.32 -18.97 -10.92
CA SER A 210 4.18 -19.22 -9.77
C SER A 210 3.38 -19.35 -8.49
N LEU A 211 3.77 -20.31 -7.67
CA LEU A 211 3.25 -20.43 -6.33
C LEU A 211 4.28 -19.87 -5.37
N LEU A 212 3.90 -18.83 -4.65
CA LEU A 212 4.80 -18.26 -3.66
C LEU A 212 4.21 -18.44 -2.29
N THR A 213 5.10 -18.58 -1.31
CA THR A 213 4.70 -18.49 0.08
C THR A 213 5.32 -17.20 0.63
N ILE A 214 4.53 -16.46 1.40
CA ILE A 214 5.06 -15.29 2.12
C ILE A 214 5.08 -15.50 3.66
N ASP A 215 6.24 -15.34 4.27
CA ASP A 215 6.33 -15.44 5.73
C ASP A 215 7.01 -14.22 6.27
N ASN A 216 6.21 -13.27 6.76
CA ASN A 216 6.71 -12.03 7.36
C ASN A 216 7.77 -11.36 6.47
N GLY A 217 7.34 -10.97 5.26
CA GLY A 217 8.19 -10.32 4.26
C GLY A 217 9.18 -11.25 3.57
N VAL A 218 9.31 -12.49 4.04
CA VAL A 218 10.11 -13.49 3.36
C VAL A 218 9.32 -14.27 2.27
N PHE A 219 9.54 -13.89 1.01
CA PHE A 219 8.98 -14.60 -0.12
C PHE A 219 9.78 -15.90 -0.40
N GLU A 220 9.08 -16.98 -0.72
CA GLU A 220 9.68 -18.20 -1.25
C GLU A 220 8.88 -18.64 -2.49
N VAL A 221 9.58 -18.99 -3.57
CA VAL A 221 8.97 -19.64 -4.74
C VAL A 221 8.90 -21.14 -4.43
N VAL A 222 7.70 -21.70 -4.40
CA VAL A 222 7.56 -23.11 -4.08
C VAL A 222 7.64 -23.99 -5.32
N ALA A 223 6.88 -23.60 -6.33
CA ALA A 223 6.74 -24.37 -7.54
C ALA A 223 6.44 -23.36 -8.64
N THR A 224 6.92 -23.62 -9.85
CA THR A 224 6.57 -22.83 -11.06
C THR A 224 6.03 -23.70 -12.20
N ASN A 225 5.17 -23.14 -13.04
CA ASN A 225 4.75 -23.81 -14.29
C ASN A 225 4.40 -22.77 -15.37
N GLY A 226 3.74 -23.22 -16.43
CA GLY A 226 3.35 -22.35 -17.51
C GLY A 226 3.53 -22.93 -18.89
N ASP A 227 3.76 -22.04 -19.84
CA ASP A 227 4.02 -22.40 -21.20
C ASP A 227 4.85 -21.27 -21.73
N THR A 228 6.10 -21.59 -22.07
CA THR A 228 7.08 -20.60 -22.50
C THR A 228 6.71 -19.97 -23.83
N HIS A 229 5.87 -20.64 -24.61
CA HIS A 229 5.37 -20.11 -25.90
C HIS A 229 3.81 -19.95 -25.95
N LEU A 230 3.21 -19.37 -24.92
CA LEU A 230 1.76 -19.05 -24.91
C LEU A 230 1.54 -17.66 -24.35
N GLY A 231 0.73 -16.87 -25.03
CA GLY A 231 0.61 -15.44 -24.72
C GLY A 231 -0.26 -14.72 -25.75
N GLY A 232 -0.31 -13.40 -25.62
CA GLY A 232 -1.24 -12.55 -26.37
C GLY A 232 -1.09 -12.60 -27.87
N GLU A 233 0.15 -12.71 -28.34
CA GLU A 233 0.51 -12.85 -29.76
C GLU A 233 -0.18 -14.08 -30.41
N ASP A 234 -0.17 -15.18 -29.68
CA ASP A 234 -0.88 -16.40 -30.06
C ASP A 234 -2.33 -16.17 -30.35
N PHE A 235 -3.03 -15.40 -29.50
CA PHE A 235 -4.45 -15.01 -29.70
C PHE A 235 -4.65 -14.11 -30.93
N ASP A 236 -3.67 -13.25 -31.19
CA ASP A 236 -3.61 -12.42 -32.41
C ASP A 236 -3.62 -13.33 -33.61
N GLN A 237 -2.66 -14.26 -33.67
CA GLN A 237 -2.53 -15.19 -34.79
C GLN A 237 -3.89 -15.82 -35.09
N ARG A 238 -4.62 -16.25 -34.05
CA ARG A 238 -5.90 -16.98 -34.25
C ARG A 238 -6.98 -16.16 -34.93
N VAL A 239 -7.02 -14.88 -34.61
CA VAL A 239 -7.99 -13.96 -35.20
C VAL A 239 -7.51 -13.54 -36.58
N MET A 240 -6.19 -13.46 -36.72
CA MET A 240 -5.57 -13.20 -38.02
C MET A 240 -5.95 -14.32 -39.01
N GLU A 241 -5.87 -15.56 -38.55
CA GLU A 241 -6.30 -16.74 -39.29
C GLU A 241 -7.79 -16.69 -39.61
N HIS A 242 -8.64 -16.43 -38.62
CA HIS A 242 -10.09 -16.18 -38.89
C HIS A 242 -10.35 -15.26 -40.10
N PHE A 243 -9.63 -14.15 -40.19
CA PHE A 243 -10.00 -13.11 -41.14
C PHE A 243 -9.36 -13.29 -42.53
N ILE A 244 -8.22 -13.97 -42.55
CA ILE A 244 -7.56 -14.36 -43.78
C ILE A 244 -8.46 -15.40 -44.44
N LYS A 245 -8.89 -16.38 -43.65
CA LYS A 245 -9.88 -17.36 -44.06
C LYS A 245 -11.20 -16.70 -44.49
N LEU A 246 -11.59 -15.58 -43.90
CA LEU A 246 -12.85 -14.93 -44.31
C LEU A 246 -12.63 -14.16 -45.61
N TYR A 247 -11.51 -13.46 -45.72
CA TYR A 247 -11.14 -12.78 -46.97
C TYR A 247 -11.30 -13.70 -48.17
N LYS A 248 -10.48 -14.76 -48.22
CA LYS A 248 -10.63 -15.83 -49.21
C LYS A 248 -12.10 -16.09 -49.57
N LYS A 249 -12.94 -16.46 -48.59
CA LYS A 249 -14.35 -16.85 -48.84
C LYS A 249 -15.23 -15.76 -49.48
N LYS A 250 -14.89 -14.48 -49.26
CA LYS A 250 -15.65 -13.41 -49.91
C LYS A 250 -14.94 -12.93 -51.18
N THR A 251 -13.71 -12.43 -51.09
CA THR A 251 -13.02 -11.88 -52.27
C THR A 251 -12.40 -12.92 -53.22
N GLY A 252 -12.18 -14.12 -52.73
CA GLY A 252 -11.46 -15.14 -53.48
C GLY A 252 -9.97 -14.91 -53.36
N LYS A 253 -9.58 -13.78 -52.80
CA LYS A 253 -8.16 -13.44 -52.71
C LYS A 253 -7.48 -13.96 -51.47
N ASP A 254 -6.16 -14.22 -51.61
CA ASP A 254 -5.36 -14.77 -50.51
C ASP A 254 -4.27 -13.82 -50.03
N VAL A 255 -4.30 -13.60 -48.73
CA VAL A 255 -3.60 -12.50 -48.08
C VAL A 255 -2.10 -12.68 -47.81
N ARG A 256 -1.61 -13.90 -47.55
CA ARG A 256 -0.17 -14.12 -47.31
C ARG A 256 0.72 -13.99 -48.56
N LYS A 257 0.14 -13.48 -49.64
CA LYS A 257 0.87 -13.22 -50.89
C LYS A 257 1.65 -11.91 -50.76
N ASP A 258 1.06 -10.95 -50.05
CA ASP A 258 1.75 -9.74 -49.56
C ASP A 258 1.80 -9.82 -48.05
N ASN A 259 2.98 -9.67 -47.47
CA ASN A 259 3.13 -9.79 -46.02
C ASN A 259 2.86 -8.46 -45.33
N ARG A 260 3.09 -7.38 -46.07
CA ARG A 260 2.80 -6.02 -45.62
C ARG A 260 1.29 -5.86 -45.40
N ALA A 261 0.51 -6.71 -46.07
CA ALA A 261 -0.92 -6.78 -45.81
C ALA A 261 -1.13 -7.53 -44.50
N VAL A 262 -0.26 -8.52 -44.26
CA VAL A 262 -0.38 -9.42 -43.12
C VAL A 262 0.01 -8.66 -41.86
N GLN A 263 1.07 -7.86 -41.94
CA GLN A 263 1.49 -7.02 -40.81
C GLN A 263 0.46 -5.92 -40.52
N LYS A 264 -0.18 -5.39 -41.55
CA LYS A 264 -1.27 -4.44 -41.35
C LYS A 264 -2.40 -5.06 -40.52
N LEU A 265 -2.69 -6.33 -40.80
CA LEU A 265 -3.81 -7.00 -40.17
C LEU A 265 -3.43 -7.30 -38.73
N ARG A 266 -2.22 -7.82 -38.55
CA ARG A 266 -1.58 -7.98 -37.26
C ARG A 266 -1.83 -6.74 -36.42
N ARG A 267 -1.41 -5.56 -36.89
CA ARG A 267 -1.73 -4.27 -36.22
C ARG A 267 -3.21 -4.20 -35.75
N GLU A 268 -4.14 -4.18 -36.69
CA GLU A 268 -5.55 -3.89 -36.42
C GLU A 268 -6.31 -4.96 -35.68
N VAL A 269 -5.83 -6.22 -35.78
CA VAL A 269 -6.23 -7.33 -34.89
C VAL A 269 -5.84 -7.10 -33.40
N GLU A 270 -4.57 -6.77 -33.15
CA GLU A 270 -4.04 -6.64 -31.80
C GLU A 270 -4.80 -5.48 -31.10
N LYS A 271 -4.87 -4.36 -31.80
CA LYS A 271 -5.82 -3.28 -31.47
C LYS A 271 -7.28 -3.69 -31.15
N ALA A 272 -7.97 -4.40 -32.06
CA ALA A 272 -9.32 -4.96 -31.82
C ALA A 272 -9.45 -5.85 -30.59
N LYS A 273 -8.51 -6.78 -30.43
CA LYS A 273 -8.47 -7.65 -29.24
C LYS A 273 -8.48 -6.85 -27.97
N ARG A 274 -7.63 -5.83 -27.91
CA ARG A 274 -7.48 -5.02 -26.73
C ARG A 274 -8.76 -4.27 -26.39
N ALA A 275 -9.41 -3.72 -27.43
CA ALA A 275 -10.72 -3.07 -27.28
C ALA A 275 -11.70 -4.07 -26.75
N LEU A 276 -11.54 -5.34 -27.10
CA LEU A 276 -12.53 -6.35 -26.74
C LEU A 276 -12.50 -6.81 -25.28
N SER A 277 -11.51 -6.34 -24.53
CA SER A 277 -11.45 -6.58 -23.09
C SER A 277 -12.39 -5.58 -22.42
N SER A 278 -12.71 -4.52 -23.17
CA SER A 278 -13.53 -3.40 -22.71
C SER A 278 -14.87 -3.29 -23.44
N GLN A 279 -14.94 -3.76 -24.69
CA GLN A 279 -16.12 -3.59 -25.54
C GLN A 279 -16.60 -4.94 -25.93
N HIS A 280 -17.83 -5.02 -26.40
CA HIS A 280 -18.40 -6.28 -26.84
C HIS A 280 -18.24 -6.61 -28.33
N GLN A 281 -17.77 -5.61 -29.08
CA GLN A 281 -17.59 -5.70 -30.54
C GLN A 281 -16.53 -4.63 -30.89
N ALA A 282 -15.74 -4.89 -31.92
CA ALA A 282 -14.77 -3.93 -32.41
C ALA A 282 -14.71 -4.03 -33.93
N ARG A 283 -14.26 -2.96 -34.57
CA ARG A 283 -14.19 -2.91 -36.02
C ARG A 283 -12.75 -2.80 -36.45
N ILE A 284 -12.41 -3.59 -37.48
CA ILE A 284 -11.07 -3.69 -38.03
C ILE A 284 -11.13 -3.08 -39.43
N GLU A 285 -10.38 -2.00 -39.60
CA GLU A 285 -10.47 -1.18 -40.79
C GLU A 285 -9.07 -1.06 -41.33
N ILE A 286 -8.90 -1.43 -42.60
CA ILE A 286 -7.58 -1.32 -43.21
C ILE A 286 -7.73 -0.72 -44.59
N GLU A 287 -6.98 0.35 -44.82
CA GLU A 287 -7.02 1.11 -46.07
C GLU A 287 -5.91 0.51 -46.89
N SER A 288 -6.22 0.18 -48.16
CA SER A 288 -5.30 -0.51 -49.06
C SER A 288 -4.73 -1.75 -48.40
N PHE A 289 -5.63 -2.60 -47.90
CA PHE A 289 -5.23 -3.85 -47.29
C PHE A 289 -4.39 -4.69 -48.28
N TYR A 290 -5.03 -5.11 -49.36
CA TYR A 290 -4.38 -6.01 -50.31
C TYR A 290 -4.75 -5.54 -51.70
N GLU A 291 -3.75 -5.55 -52.58
CA GLU A 291 -3.92 -5.15 -53.98
C GLU A 291 -4.66 -3.81 -54.12
N GLY A 292 -4.48 -2.95 -53.10
CA GLY A 292 -5.05 -1.60 -53.09
C GLY A 292 -6.44 -1.54 -52.52
N GLU A 293 -6.97 -2.68 -52.12
CA GLU A 293 -8.36 -2.75 -51.71
C GLU A 293 -8.54 -2.52 -50.21
N ASP A 294 -9.69 -1.97 -49.81
CA ASP A 294 -9.89 -1.62 -48.41
C ASP A 294 -10.60 -2.73 -47.64
N PHE A 295 -10.02 -3.09 -46.49
CA PHE A 295 -10.57 -4.08 -45.54
C PHE A 295 -11.43 -3.41 -44.47
N SER A 296 -12.59 -4.01 -44.22
CA SER A 296 -13.48 -3.54 -43.19
C SER A 296 -14.32 -4.71 -42.64
N GLU A 297 -13.97 -5.20 -41.44
CA GLU A 297 -14.74 -6.23 -40.75
C GLU A 297 -14.84 -5.94 -39.23
N THR A 298 -15.75 -6.63 -38.54
CA THR A 298 -15.86 -6.53 -37.07
C THR A 298 -15.65 -7.86 -36.37
N LEU A 299 -15.32 -7.81 -35.08
CA LEU A 299 -15.18 -8.99 -34.27
C LEU A 299 -15.98 -8.83 -32.99
N THR A 300 -16.87 -9.78 -32.72
CA THR A 300 -17.57 -9.79 -31.48
C THR A 300 -16.60 -10.37 -30.46
N ARG A 301 -16.84 -10.06 -29.19
CA ARG A 301 -16.14 -10.70 -28.11
C ARG A 301 -16.39 -12.20 -28.10
N ALA A 302 -17.66 -12.61 -28.29
CA ALA A 302 -18.01 -14.04 -28.42
C ALA A 302 -17.18 -14.78 -29.47
N LYS A 303 -17.04 -14.19 -30.65
CA LYS A 303 -16.20 -14.81 -31.66
C LYS A 303 -14.74 -14.84 -31.20
N PHE A 304 -14.23 -13.74 -30.65
CA PHE A 304 -12.87 -13.73 -30.11
C PHE A 304 -12.65 -14.89 -29.15
N GLU A 305 -13.55 -15.02 -28.18
CA GLU A 305 -13.49 -16.11 -27.18
C GLU A 305 -13.59 -17.47 -27.84
N GLU A 306 -14.53 -17.59 -28.78
CA GLU A 306 -14.71 -18.81 -29.56
C GLU A 306 -13.39 -19.28 -30.24
N LEU A 307 -12.63 -18.34 -30.77
CA LEU A 307 -11.44 -18.65 -31.54
C LEU A 307 -10.27 -19.16 -30.69
N ASN A 308 -10.20 -18.69 -29.45
CA ASN A 308 -9.12 -19.04 -28.53
C ASN A 308 -9.50 -19.91 -27.35
N MET A 309 -10.76 -20.33 -27.30
CA MET A 309 -11.29 -21.06 -26.16
C MET A 309 -10.39 -22.19 -25.65
N ASP A 310 -9.86 -22.98 -26.59
CA ASP A 310 -8.94 -24.07 -26.25
C ASP A 310 -7.63 -23.54 -25.64
N LEU A 311 -7.26 -22.30 -26.01
CA LEU A 311 -5.99 -21.70 -25.57
C LEU A 311 -6.13 -21.07 -24.21
N PHE A 312 -7.19 -20.29 -24.03
CA PHE A 312 -7.61 -19.81 -22.72
C PHE A 312 -7.72 -20.97 -21.72
N ARG A 313 -8.51 -22.00 -22.09
CA ARG A 313 -8.72 -23.16 -21.20
C ARG A 313 -7.45 -23.90 -20.79
N SER A 314 -6.46 -23.91 -21.68
CA SER A 314 -5.18 -24.59 -21.43
C SER A 314 -4.37 -23.94 -20.29
N THR A 315 -4.81 -22.76 -19.86
CA THR A 315 -4.07 -21.96 -18.90
C THR A 315 -4.27 -22.50 -17.47
N MET A 316 -5.29 -23.34 -17.30
CA MET A 316 -5.62 -23.98 -16.03
C MET A 316 -4.72 -25.15 -15.66
N LYS A 317 -4.19 -25.83 -16.67
CA LYS A 317 -3.43 -27.06 -16.46
C LYS A 317 -2.11 -26.78 -15.71
N PRO A 318 -1.32 -25.79 -16.17
CA PRO A 318 -0.23 -25.31 -15.33
C PRO A 318 -0.64 -24.92 -13.91
N VAL A 319 -1.77 -24.21 -13.73
CA VAL A 319 -2.27 -23.88 -12.40
C VAL A 319 -2.46 -25.14 -11.50
N GLN A 320 -2.87 -26.26 -12.09
CA GLN A 320 -3.02 -27.51 -11.38
C GLN A 320 -1.66 -28.17 -11.10
N LYS A 321 -0.75 -28.15 -12.07
CA LYS A 321 0.54 -28.79 -11.85
C LYS A 321 1.35 -28.05 -10.77
N VAL A 322 1.06 -26.76 -10.63
CA VAL A 322 1.69 -25.93 -9.63
C VAL A 322 1.16 -26.31 -8.25
N LEU A 323 -0.16 -26.47 -8.14
CA LEU A 323 -0.78 -26.83 -6.86
C LEU A 323 -0.45 -28.27 -6.46
N GLU A 324 -0.08 -29.10 -7.43
CA GLU A 324 0.37 -30.46 -7.15
C GLU A 324 1.75 -30.48 -6.54
N ASP A 325 2.71 -29.93 -7.29
CA ASP A 325 4.10 -29.74 -6.91
C ASP A 325 4.30 -28.92 -5.64
N SER A 326 3.24 -28.25 -5.19
CA SER A 326 3.26 -27.47 -3.97
C SER A 326 2.48 -28.18 -2.87
N ASP A 327 2.04 -29.39 -3.16
CA ASP A 327 1.23 -30.16 -2.22
C ASP A 327 0.15 -29.28 -1.60
N LEU A 328 -0.71 -28.69 -2.42
CA LEU A 328 -1.81 -27.85 -1.88
C LEU A 328 -3.08 -28.01 -2.71
N LYS A 329 -4.24 -27.96 -2.07
CA LYS A 329 -5.53 -27.92 -2.79
C LYS A 329 -5.90 -26.48 -3.21
N LYS A 330 -7.05 -26.31 -3.87
CA LYS A 330 -7.55 -24.96 -4.25
C LYS A 330 -7.90 -24.03 -3.08
N SER A 331 -8.13 -24.63 -1.92
CA SER A 331 -8.61 -23.93 -0.74
C SER A 331 -7.48 -23.16 -0.06
N ASP A 332 -6.25 -23.52 -0.42
CA ASP A 332 -5.03 -23.06 0.22
C ASP A 332 -4.47 -21.73 -0.29
N ILE A 333 -4.91 -21.32 -1.49
CA ILE A 333 -4.47 -20.06 -2.06
C ILE A 333 -5.25 -18.89 -1.45
N ASP A 334 -4.48 -17.98 -0.88
CA ASP A 334 -4.96 -16.89 -0.08
C ASP A 334 -4.98 -15.62 -0.94
N GLU A 335 -4.05 -15.52 -1.89
CA GLU A 335 -4.01 -14.43 -2.89
C GLU A 335 -3.77 -14.92 -4.32
N ILE A 336 -4.54 -14.35 -5.25
CA ILE A 336 -4.39 -14.54 -6.68
C ILE A 336 -3.93 -13.24 -7.40
N VAL A 337 -2.68 -13.23 -7.84
CA VAL A 337 -2.13 -12.06 -8.58
C VAL A 337 -2.02 -12.27 -10.10
N LEU A 338 -2.74 -11.43 -10.86
CA LEU A 338 -2.71 -11.36 -12.33
C LEU A 338 -1.74 -10.35 -12.86
N VAL A 339 -0.93 -10.80 -13.79
CA VAL A 339 0.21 -10.05 -14.32
C VAL A 339 0.13 -10.28 -15.83
N GLY A 340 0.74 -9.37 -16.61
CA GLY A 340 0.70 -9.43 -18.05
C GLY A 340 -0.57 -8.83 -18.62
N GLY A 341 -0.43 -8.07 -19.72
CA GLY A 341 -1.58 -7.44 -20.38
C GLY A 341 -2.68 -8.37 -20.84
N SER A 342 -2.38 -9.64 -21.05
CA SER A 342 -3.41 -10.57 -21.50
C SER A 342 -4.40 -10.95 -20.40
N THR A 343 -4.07 -10.68 -19.14
CA THR A 343 -4.98 -10.94 -18.00
C THR A 343 -6.16 -9.93 -17.93
N ARG A 344 -6.09 -8.91 -18.79
CA ARG A 344 -7.22 -8.00 -18.99
C ARG A 344 -8.35 -8.68 -19.81
N ILE A 345 -8.02 -9.70 -20.59
CA ILE A 345 -9.06 -10.50 -21.26
C ILE A 345 -10.07 -11.04 -20.22
N PRO A 346 -11.38 -10.66 -20.37
CA PRO A 346 -12.47 -11.11 -19.51
C PRO A 346 -12.61 -12.63 -19.39
N LYS A 347 -12.53 -13.40 -20.48
CA LYS A 347 -12.65 -14.87 -20.36
C LYS A 347 -11.56 -15.49 -19.45
N ILE A 348 -10.36 -14.92 -19.55
CA ILE A 348 -9.21 -15.36 -18.78
C ILE A 348 -9.56 -15.24 -17.28
N GLN A 349 -10.07 -14.06 -16.90
CA GLN A 349 -10.56 -13.80 -15.53
C GLN A 349 -11.68 -14.72 -15.08
N GLN A 350 -12.69 -14.91 -15.93
CA GLN A 350 -13.78 -15.85 -15.64
C GLN A 350 -13.19 -17.23 -15.35
N LEU A 351 -12.18 -17.58 -16.13
CA LEU A 351 -11.57 -18.88 -16.05
C LEU A 351 -10.84 -19.05 -14.71
N VAL A 352 -9.99 -18.09 -14.37
CA VAL A 352 -9.25 -18.12 -13.11
C VAL A 352 -10.20 -18.20 -11.89
N LYS A 353 -11.16 -17.28 -11.86
CA LYS A 353 -12.14 -17.17 -10.81
C LYS A 353 -12.94 -18.45 -10.58
N GLU A 354 -13.51 -19.04 -11.63
CA GLU A 354 -14.26 -20.28 -11.42
C GLU A 354 -13.37 -21.49 -11.13
N PHE A 355 -12.14 -21.48 -11.63
CA PHE A 355 -11.18 -22.50 -11.22
C PHE A 355 -11.10 -22.53 -9.70
N PHE A 356 -10.72 -21.39 -9.12
CA PHE A 356 -10.67 -21.17 -7.69
C PHE A 356 -12.04 -20.87 -7.09
N ASN A 357 -13.06 -21.55 -7.57
CA ASN A 357 -14.38 -21.58 -6.93
C ASN A 357 -14.99 -20.21 -6.59
N GLY A 358 -14.78 -19.24 -7.48
CA GLY A 358 -15.47 -17.93 -7.38
C GLY A 358 -14.75 -16.84 -6.61
N LYS A 359 -13.48 -17.08 -6.30
CA LYS A 359 -12.70 -16.17 -5.49
C LYS A 359 -12.18 -15.06 -6.37
N GLU A 360 -12.35 -13.79 -5.97
CA GLU A 360 -11.87 -12.66 -6.80
C GLU A 360 -10.37 -12.43 -6.62
N PRO A 361 -9.65 -12.22 -7.74
CA PRO A 361 -8.20 -11.85 -7.77
C PRO A 361 -7.88 -10.47 -7.17
N SER A 362 -6.63 -10.26 -6.75
CA SER A 362 -6.18 -8.92 -6.40
C SER A 362 -6.36 -8.02 -7.63
N ARG A 363 -6.87 -6.82 -7.40
CA ARG A 363 -7.14 -5.87 -8.49
C ARG A 363 -6.54 -4.53 -8.11
N GLY A 364 -6.30 -3.66 -9.09
CA GLY A 364 -5.88 -2.29 -8.74
C GLY A 364 -4.64 -1.75 -9.43
N ILE A 365 -3.63 -2.59 -9.68
CA ILE A 365 -2.43 -2.13 -10.42
C ILE A 365 -2.45 -2.59 -11.86
N ASN A 366 -2.05 -1.72 -12.77
CA ASN A 366 -1.91 -2.12 -14.16
C ASN A 366 -1.02 -3.38 -14.24
N PRO A 367 -1.57 -4.51 -14.77
CA PRO A 367 -0.85 -5.79 -14.91
C PRO A 367 0.38 -5.80 -15.81
N ASP A 368 0.54 -4.76 -16.64
CA ASP A 368 1.74 -4.55 -17.42
C ASP A 368 2.78 -3.88 -16.61
N GLU A 369 2.35 -3.24 -15.54
CA GLU A 369 3.22 -2.38 -14.73
C GLU A 369 3.52 -2.95 -13.39
N ALA A 370 2.67 -3.88 -12.95
CA ALA A 370 2.84 -4.48 -11.61
C ALA A 370 4.28 -4.90 -11.32
N VAL A 371 4.99 -5.54 -12.26
CA VAL A 371 6.38 -5.99 -11.99
C VAL A 371 7.40 -4.84 -11.92
N ALA A 372 7.34 -3.84 -12.81
CA ALA A 372 8.26 -2.71 -12.62
C ALA A 372 7.92 -1.97 -11.31
N TYR A 373 6.64 -1.89 -10.98
CA TYR A 373 6.17 -1.26 -9.74
C TYR A 373 6.89 -1.93 -8.53
N GLY A 374 6.69 -3.24 -8.37
CA GLY A 374 7.37 -4.05 -7.32
C GLY A 374 8.85 -3.70 -7.25
N ALA A 375 9.49 -3.59 -8.40
CA ALA A 375 10.91 -3.33 -8.44
C ALA A 375 11.17 -1.93 -7.93
N ALA A 376 10.29 -0.97 -8.29
CA ALA A 376 10.53 0.45 -7.95
C ALA A 376 10.35 0.69 -6.44
N VAL A 377 9.35 0.01 -5.87
CA VAL A 377 9.19 -0.10 -4.41
C VAL A 377 10.51 -0.52 -3.73
N GLN A 378 11.15 -1.56 -4.23
CA GLN A 378 12.41 -2.00 -3.63
C GLN A 378 13.51 -1.00 -3.90
N ALA A 379 13.51 -0.43 -5.09
CA ALA A 379 14.51 0.55 -5.48
C ALA A 379 14.43 1.76 -4.56
N GLY A 380 13.18 2.11 -4.18
CA GLY A 380 12.85 3.23 -3.28
C GLY A 380 13.50 3.13 -1.90
N VAL A 381 13.44 1.93 -1.33
CA VAL A 381 14.18 1.55 -0.12
C VAL A 381 15.70 1.67 -0.29
N LEU A 382 16.21 1.33 -1.45
CA LEU A 382 17.65 1.36 -1.69
C LEU A 382 18.32 2.75 -1.91
N SER A 383 17.52 3.84 -1.99
CA SER A 383 18.03 5.19 -1.53
C SER A 383 17.04 5.91 -0.60
N ASP B 3 15.87 23.33 3.59
CA ASP B 3 15.56 24.31 4.69
C ASP B 3 14.92 23.60 5.90
N VAL B 4 13.87 22.82 5.60
CA VAL B 4 12.94 22.18 6.55
C VAL B 4 13.44 20.95 7.35
N GLY B 5 14.59 20.39 6.96
CA GLY B 5 15.15 19.17 7.59
C GLY B 5 14.36 17.90 7.33
N THR B 6 14.41 16.95 8.28
CA THR B 6 13.45 15.85 8.33
C THR B 6 12.23 16.34 9.08
N VAL B 7 11.06 16.27 8.44
CA VAL B 7 9.85 16.72 9.06
C VAL B 7 9.11 15.54 9.69
N VAL B 8 8.29 15.82 10.70
CA VAL B 8 7.64 14.76 11.46
C VAL B 8 6.13 14.79 11.33
N GLY B 9 5.55 13.60 11.38
CA GLY B 9 4.12 13.48 11.38
C GLY B 9 3.72 13.16 12.80
N ILE B 10 2.82 13.98 13.35
CA ILE B 10 2.37 13.82 14.74
C ILE B 10 0.85 13.74 14.79
N ASP B 11 0.40 12.61 15.33
CA ASP B 11 -0.98 12.47 15.78
C ASP B 11 -1.10 13.06 17.20
N LEU B 12 -1.88 14.13 17.30
CA LEU B 12 -1.99 14.88 18.53
C LEU B 12 -3.35 14.55 19.07
N GLY B 13 -3.39 13.45 19.85
CA GLY B 13 -4.63 12.84 20.25
C GLY B 13 -5.16 13.34 21.57
N THR B 14 -6.38 12.94 21.89
CA THR B 14 -7.04 13.32 23.11
C THR B 14 -6.39 12.64 24.32
N THR B 15 -6.33 11.31 24.27
CA THR B 15 -5.70 10.52 25.35
C THR B 15 -4.23 10.15 25.03
N TYR B 16 -3.93 9.86 23.76
CA TYR B 16 -2.54 9.56 23.35
C TYR B 16 -2.07 10.30 22.10
N SER B 17 -0.78 10.63 22.07
CA SER B 17 -0.16 11.15 20.84
C SER B 17 0.85 10.13 20.25
N CYS B 18 1.17 10.34 18.98
CA CYS B 18 2.01 9.46 18.22
C CYS B 18 2.80 10.26 17.17
N VAL B 19 4.11 9.96 17.09
CA VAL B 19 5.04 10.63 16.19
C VAL B 19 5.71 9.64 15.21
N GLY B 20 5.85 10.11 13.97
CA GLY B 20 6.40 9.30 12.88
C GLY B 20 7.27 10.08 11.89
N VAL B 21 8.13 9.32 11.24
CA VAL B 21 9.19 9.81 10.38
C VAL B 21 9.23 8.89 9.11
N PHE B 22 9.42 9.48 7.91
CA PHE B 22 9.70 8.71 6.69
C PHE B 22 11.21 8.60 6.60
N LYS B 23 11.67 7.35 6.74
CA LYS B 23 13.08 7.03 6.51
C LYS B 23 13.22 5.78 5.65
N ASN B 24 14.21 5.85 4.75
CA ASN B 24 14.57 4.76 3.84
C ASN B 24 13.43 3.99 3.21
N GLY B 25 12.52 4.72 2.58
CA GLY B 25 11.51 4.09 1.79
C GLY B 25 10.22 3.86 2.51
N ARG B 26 10.14 4.28 3.77
CA ARG B 26 9.05 3.84 4.63
C ARG B 26 8.88 4.70 5.89
N VAL B 27 7.68 4.56 6.45
CA VAL B 27 7.33 5.16 7.74
C VAL B 27 7.91 4.36 8.92
N GLU B 28 8.73 5.06 9.74
CA GLU B 28 9.09 4.64 11.10
C GLU B 28 8.33 5.47 12.14
N ILE B 29 7.54 4.78 12.96
CA ILE B 29 6.96 5.33 14.21
C ILE B 29 7.99 5.26 15.36
N ILE B 30 8.26 6.41 15.96
CA ILE B 30 9.32 6.51 16.94
C ILE B 30 8.84 6.33 18.37
N ALA B 31 9.50 5.41 19.09
CA ALA B 31 9.13 5.09 20.47
C ALA B 31 9.79 6.09 21.40
N ASN B 32 9.06 6.45 22.45
CA ASN B 32 9.51 7.40 23.47
C ASN B 32 10.45 6.64 24.45
N ASP B 33 11.07 7.35 25.37
CA ASP B 33 12.08 6.77 26.26
C ASP B 33 11.61 5.66 27.23
N GLN B 34 10.31 5.39 27.24
CA GLN B 34 9.71 4.37 28.10
C GLN B 34 9.44 3.14 27.29
N GLY B 35 9.82 3.22 26.01
CA GLY B 35 9.68 2.11 25.06
C GLY B 35 8.29 2.03 24.44
N ASN B 36 7.57 3.15 24.41
CA ASN B 36 6.20 3.16 23.95
C ASN B 36 6.03 3.90 22.60
N ARG B 37 5.33 3.29 21.67
CA ARG B 37 5.14 3.91 20.36
C ARG B 37 4.00 4.93 20.38
N ILE B 38 3.25 4.96 21.49
CA ILE B 38 2.32 6.06 21.81
C ILE B 38 2.59 6.67 23.22
N THR B 39 2.41 7.99 23.27
CA THR B 39 2.66 8.83 24.42
C THR B 39 1.35 9.49 24.92
N PRO B 40 0.96 9.24 26.20
CA PRO B 40 -0.19 9.88 26.83
C PRO B 40 -0.18 11.43 26.67
N SER B 41 -1.35 12.00 26.38
CA SER B 41 -1.46 13.43 26.19
C SER B 41 -1.73 14.07 27.55
N TYR B 42 -0.70 13.98 28.38
CA TYR B 42 -0.70 14.19 29.83
C TYR B 42 0.49 15.02 30.25
N VAL B 43 0.23 15.87 31.22
CA VAL B 43 1.27 16.70 31.79
C VAL B 43 1.03 16.59 33.30
N ALA B 44 2.12 16.57 34.06
CA ALA B 44 2.02 16.61 35.50
C ALA B 44 3.18 17.42 36.02
N PHE B 45 2.89 18.11 37.13
CA PHE B 45 3.86 18.92 37.86
C PHE B 45 4.00 18.32 39.22
N THR B 46 5.24 18.10 39.60
CA THR B 46 5.57 17.57 40.91
C THR B 46 5.96 18.72 41.84
N PRO B 47 5.58 18.62 43.13
CA PRO B 47 6.08 19.44 44.26
C PRO B 47 7.49 20.03 44.18
N GLU B 48 8.51 19.22 43.84
CA GLU B 48 9.84 19.80 43.60
C GLU B 48 9.99 20.61 42.33
N GLY B 49 8.94 20.64 41.52
CA GLY B 49 8.88 21.49 40.34
C GLY B 49 9.35 20.82 39.06
N GLU B 50 9.40 19.50 39.01
CA GLU B 50 9.69 18.81 37.74
C GLU B 50 8.44 18.84 36.84
N ARG B 51 8.66 19.07 35.56
CA ARG B 51 7.60 19.01 34.58
C ARG B 51 7.66 17.58 34.07
N LEU B 52 6.57 16.85 34.28
CA LEU B 52 6.47 15.50 33.77
C LEU B 52 5.56 15.46 32.50
N ILE B 53 6.08 14.89 31.41
CA ILE B 53 5.25 14.76 30.20
C ILE B 53 5.17 13.32 29.68
N GLY B 54 3.95 12.83 29.52
CA GLY B 54 3.79 11.53 28.90
C GLY B 54 3.52 10.46 29.92
N ASP B 55 4.25 9.36 29.82
CA ASP B 55 4.01 8.18 30.63
C ASP B 55 4.25 8.49 32.08
N ALA B 56 5.38 9.17 32.32
CA ALA B 56 5.71 9.75 33.61
C ALA B 56 4.54 10.54 34.25
N ALA B 57 3.94 11.48 33.51
CA ALA B 57 2.83 12.23 34.02
C ALA B 57 1.62 11.34 34.34
N LYS B 58 1.21 10.50 33.38
CA LYS B 58 0.03 9.64 33.62
C LYS B 58 0.25 8.58 34.73
N ASN B 59 1.49 8.10 34.85
CA ASN B 59 1.77 6.96 35.73
C ASN B 59 2.00 7.37 37.16
N GLN B 60 2.58 8.56 37.33
CA GLN B 60 2.76 9.20 38.64
C GLN B 60 1.55 8.95 39.51
N LEU B 61 1.81 8.15 40.55
CA LEU B 61 0.79 7.48 41.33
C LEU B 61 0.67 8.25 42.61
N THR B 62 0.19 9.49 42.53
CA THR B 62 0.32 10.43 43.60
C THR B 62 -0.90 11.36 43.57
N SER B 63 -1.58 11.38 44.72
CA SER B 63 -3.00 11.73 44.87
C SER B 63 -3.46 13.20 45.09
N ASN B 64 -2.69 14.12 44.50
CA ASN B 64 -3.14 15.43 44.07
C ASN B 64 -3.48 15.32 42.58
N PRO B 65 -4.71 14.88 42.25
CA PRO B 65 -5.06 14.85 40.85
C PRO B 65 -5.15 16.27 40.24
N GLU B 66 -5.25 17.28 41.08
CA GLU B 66 -5.40 18.66 40.63
C GLU B 66 -4.21 19.16 39.83
N ASN B 67 -3.05 18.55 39.98
CA ASN B 67 -1.86 19.13 39.33
C ASN B 67 -1.32 18.38 38.09
N THR B 68 -2.13 17.46 37.58
CA THR B 68 -1.81 16.70 36.39
C THR B 68 -2.89 16.97 35.34
N VAL B 69 -2.45 17.55 34.21
CA VAL B 69 -3.31 17.99 33.10
C VAL B 69 -3.43 16.92 32.00
N PHE B 70 -4.63 16.76 31.47
CA PHE B 70 -4.87 15.92 30.33
C PHE B 70 -6.08 16.52 29.60
N ASP B 71 -6.40 15.96 28.43
CA ASP B 71 -7.67 16.23 27.75
C ASP B 71 -7.79 17.66 27.28
N ALA B 72 -6.66 18.30 27.03
CA ALA B 72 -6.60 19.72 26.66
C ALA B 72 -7.16 19.96 25.23
N LYS B 73 -7.23 18.88 24.45
CA LYS B 73 -7.79 18.90 23.14
C LYS B 73 -9.29 19.18 23.20
N ARG B 74 -9.94 18.75 24.30
CA ARG B 74 -11.36 19.08 24.56
C ARG B 74 -11.58 20.55 24.77
N LEU B 75 -10.48 21.27 25.05
CA LEU B 75 -10.58 22.70 25.35
C LEU B 75 -9.93 23.62 24.32
N ILE B 76 -8.98 23.09 23.55
CA ILE B 76 -8.19 23.90 22.60
C ILE B 76 -9.03 24.65 21.52
N GLY B 77 -8.60 25.84 21.11
CA GLY B 77 -9.38 26.67 20.15
C GLY B 77 -10.80 27.09 20.55
N ARG B 78 -11.27 26.70 21.73
CA ARG B 78 -12.60 27.04 22.23
C ARG B 78 -12.56 28.22 23.21
N THR B 79 -13.72 28.87 23.39
CA THR B 79 -13.87 29.93 24.35
C THR B 79 -14.32 29.40 25.68
N TRP B 80 -13.97 30.12 26.74
CA TRP B 80 -14.41 29.80 28.09
C TRP B 80 -15.93 29.54 28.14
N ASN B 81 -16.71 30.41 27.51
CA ASN B 81 -18.18 30.32 27.60
C ASN B 81 -18.87 29.37 26.62
N ASP B 82 -18.09 28.45 26.04
CA ASP B 82 -18.58 27.49 25.05
C ASP B 82 -19.42 26.44 25.81
N PRO B 83 -20.67 26.17 25.37
CA PRO B 83 -21.45 25.19 26.14
C PRO B 83 -20.75 23.85 26.24
N SER B 84 -19.93 23.54 25.24
CA SER B 84 -19.11 22.34 25.29
C SER B 84 -18.13 22.43 26.43
N VAL B 85 -17.54 23.60 26.66
CA VAL B 85 -16.47 23.78 27.64
C VAL B 85 -17.06 23.77 29.05
N GLN B 86 -18.20 24.43 29.18
CA GLN B 86 -19.00 24.42 30.37
C GLN B 86 -19.50 23.03 30.77
N GLN B 87 -19.74 22.12 29.83
CA GLN B 87 -20.08 20.76 30.28
C GLN B 87 -18.86 19.99 30.76
N ASP B 88 -17.72 20.15 30.08
CA ASP B 88 -16.58 19.28 30.27
C ASP B 88 -15.83 19.65 31.52
N ILE B 89 -15.83 20.95 31.80
CA ILE B 89 -15.35 21.48 33.08
C ILE B 89 -15.86 20.68 34.32
N LYS B 90 -17.10 20.21 34.27
CA LYS B 90 -17.75 19.48 35.36
C LYS B 90 -17.17 18.10 35.60
N PHE B 91 -16.39 17.60 34.65
CA PHE B 91 -15.90 16.25 34.74
C PHE B 91 -14.40 16.28 34.71
N LEU B 92 -13.81 17.47 34.73
CA LEU B 92 -12.34 17.63 34.81
C LEU B 92 -11.83 17.88 36.25
N PRO B 93 -10.89 17.03 36.72
CA PRO B 93 -10.38 17.08 38.08
C PRO B 93 -9.40 18.21 38.28
N PHE B 94 -8.96 18.85 37.22
CA PHE B 94 -8.00 19.91 37.43
C PHE B 94 -8.75 21.23 37.23
N LYS B 95 -8.12 22.35 37.57
CA LYS B 95 -8.85 23.63 37.62
C LYS B 95 -8.78 24.41 36.27
N VAL B 96 -9.95 24.82 35.80
CA VAL B 96 -10.11 25.54 34.54
C VAL B 96 -10.70 26.94 34.80
N VAL B 97 -10.02 27.97 34.33
CA VAL B 97 -10.41 29.35 34.58
C VAL B 97 -10.54 30.20 33.30
N GLU B 98 -11.51 31.11 33.28
CA GLU B 98 -11.60 32.15 32.25
C GLU B 98 -10.42 33.11 32.30
N LYS B 99 -9.60 33.09 31.25
CA LYS B 99 -8.48 34.00 31.06
C LYS B 99 -8.35 34.38 29.57
N LYS B 100 -8.30 35.70 29.28
CA LYS B 100 -8.33 36.21 27.89
C LYS B 100 -9.41 35.55 27.02
N THR B 101 -10.60 35.37 27.61
CA THR B 101 -11.81 34.79 26.95
C THR B 101 -11.76 33.27 26.72
N LYS B 102 -10.63 32.68 27.05
CA LYS B 102 -10.45 31.26 26.84
C LYS B 102 -10.43 30.53 28.17
N PRO B 103 -10.63 29.20 28.16
CA PRO B 103 -10.48 28.44 29.38
C PRO B 103 -9.00 28.02 29.67
N TYR B 104 -8.27 28.85 30.40
CA TYR B 104 -6.93 28.50 30.78
C TYR B 104 -7.00 27.45 31.89
N ILE B 105 -5.89 26.74 32.08
CA ILE B 105 -5.80 25.69 33.06
C ILE B 105 -4.90 26.23 34.16
N GLN B 106 -5.33 26.08 35.40
CA GLN B 106 -4.56 26.54 36.54
C GLN B 106 -4.04 25.36 37.39
N VAL B 107 -2.73 25.35 37.63
CA VAL B 107 -2.11 24.28 38.42
C VAL B 107 -0.96 24.81 39.25
N ASP B 108 -0.68 24.13 40.35
CA ASP B 108 0.51 24.35 41.15
C ASP B 108 1.68 23.61 40.51
N ILE B 109 2.77 24.32 40.33
CA ILE B 109 3.89 23.99 39.49
C ILE B 109 5.10 23.55 40.34
N GLY B 110 4.96 23.69 41.66
CA GLY B 110 6.08 23.63 42.64
C GLY B 110 6.07 24.78 43.64
N GLY B 111 6.21 24.44 44.92
CA GLY B 111 6.29 25.44 45.98
C GLY B 111 5.10 26.37 46.07
N GLY B 112 3.89 25.87 45.79
CA GLY B 112 2.66 26.67 45.80
C GLY B 112 2.58 27.74 44.71
N GLN B 113 3.57 27.74 43.79
CA GLN B 113 3.56 28.59 42.58
C GLN B 113 2.40 28.20 41.68
N THR B 114 1.43 29.10 41.57
CA THR B 114 0.32 28.90 40.68
C THR B 114 0.74 29.46 39.29
N LYS B 115 0.39 28.70 38.23
CA LYS B 115 0.51 29.14 36.83
C LYS B 115 -0.77 28.81 36.07
N THR B 116 -1.12 29.72 35.16
CA THR B 116 -2.18 29.43 34.23
C THR B 116 -1.60 29.00 32.88
N PHE B 117 -2.18 27.99 32.26
CA PHE B 117 -1.76 27.62 30.90
C PHE B 117 -2.95 27.62 29.97
N ALA B 118 -2.78 28.25 28.81
CA ALA B 118 -3.70 28.13 27.68
C ALA B 118 -3.69 26.67 27.21
N PRO B 119 -4.87 26.12 26.84
CA PRO B 119 -4.83 24.72 26.33
C PRO B 119 -3.75 24.45 25.25
N GLU B 120 -3.36 25.49 24.50
CA GLU B 120 -2.33 25.30 23.48
C GLU B 120 -0.92 25.23 24.04
N GLU B 121 -0.76 25.70 25.26
CA GLU B 121 0.52 25.69 25.96
C GLU B 121 0.75 24.32 26.59
N ILE B 122 -0.32 23.73 27.16
CA ILE B 122 -0.37 22.30 27.51
C ILE B 122 -0.17 21.37 26.28
N SER B 123 -0.94 21.59 25.21
CA SER B 123 -0.70 20.86 23.98
C SER B 123 0.76 21.07 23.49
N ALA B 124 1.29 22.29 23.59
CA ALA B 124 2.71 22.53 23.20
C ALA B 124 3.74 21.70 24.01
N MET B 125 3.42 21.41 25.28
CA MET B 125 4.20 20.50 26.12
C MET B 125 4.21 19.11 25.58
N VAL B 126 3.02 18.59 25.28
CA VAL B 126 2.87 17.29 24.62
C VAL B 126 3.73 17.24 23.35
N LEU B 127 3.46 18.18 22.44
CA LEU B 127 4.26 18.32 21.23
C LEU B 127 5.77 18.44 21.41
N THR B 128 6.22 19.25 22.35
CA THR B 128 7.64 19.32 22.74
C THR B 128 8.21 17.93 23.05
N LYS B 129 7.41 17.10 23.72
CA LYS B 129 7.85 15.77 24.10
C LYS B 129 7.98 14.85 22.88
N MET B 130 7.02 15.00 21.97
CA MET B 130 6.98 14.22 20.73
C MET B 130 8.16 14.58 19.85
N LYS B 131 8.45 15.87 19.81
CA LYS B 131 9.62 16.44 19.17
C LYS B 131 10.95 15.94 19.79
N GLU B 132 10.92 15.66 21.09
CA GLU B 132 12.09 15.16 21.76
C GLU B 132 12.32 13.70 21.45
N THR B 133 11.24 12.92 21.40
CA THR B 133 11.24 11.54 20.91
C THR B 133 11.85 11.38 19.51
N ALA B 134 11.49 12.30 18.60
CA ALA B 134 11.97 12.30 17.22
C ALA B 134 13.44 12.65 17.10
N GLU B 135 13.82 13.73 17.75
CA GLU B 135 15.19 14.25 17.74
C GLU B 135 16.20 13.28 18.35
N ALA B 136 15.77 12.51 19.37
CA ALA B 136 16.60 11.44 19.98
C ALA B 136 16.83 10.34 18.94
N TYR B 137 15.74 9.99 18.27
CA TYR B 137 15.77 8.96 17.24
C TYR B 137 16.64 9.36 16.05
N LEU B 138 16.52 10.63 15.66
CA LEU B 138 17.08 11.12 14.42
C LEU B 138 18.51 11.49 14.59
N GLY B 139 18.86 12.08 15.73
CA GLY B 139 20.24 12.47 16.03
C GLY B 139 20.44 13.93 15.68
N LYS B 140 19.34 14.65 15.53
CA LYS B 140 19.35 16.03 15.06
C LYS B 140 18.08 16.76 15.50
N LYS B 141 18.13 18.08 15.43
CA LYS B 141 16.95 18.91 15.70
C LYS B 141 15.84 18.72 14.68
N VAL B 142 14.61 18.70 15.16
CA VAL B 142 13.39 18.78 14.32
C VAL B 142 12.88 20.23 14.37
N THR B 143 12.39 20.76 13.23
CA THR B 143 11.95 22.18 13.12
C THR B 143 10.58 22.30 12.55
N HIS B 144 10.14 21.25 11.87
CA HIS B 144 8.96 21.34 11.02
C HIS B 144 8.20 20.08 11.19
N ALA B 145 6.88 20.17 11.07
CA ALA B 145 5.97 19.04 11.39
C ALA B 145 4.70 19.01 10.53
N VAL B 146 4.11 17.83 10.38
CA VAL B 146 2.73 17.68 9.91
C VAL B 146 1.89 17.21 11.12
N VAL B 147 0.72 17.81 11.33
CA VAL B 147 -0.08 17.56 12.54
C VAL B 147 -1.52 17.38 12.15
N THR B 148 -2.14 16.45 12.86
CA THR B 148 -3.44 15.89 12.58
C THR B 148 -4.47 16.45 13.57
N VAL B 149 -5.70 16.69 13.11
CA VAL B 149 -6.78 17.21 13.92
C VAL B 149 -8.03 16.43 13.53
N PRO B 150 -8.99 16.28 14.44
CA PRO B 150 -10.19 15.67 13.88
C PRO B 150 -10.83 16.59 12.81
N ALA B 151 -11.75 16.01 12.05
CA ALA B 151 -12.18 16.58 10.81
C ALA B 151 -13.17 17.70 11.10
N TYR B 152 -13.70 17.71 12.32
CA TYR B 152 -14.72 18.67 12.68
C TYR B 152 -14.10 19.87 13.38
N PHE B 153 -12.79 19.85 13.59
CA PHE B 153 -12.13 21.02 14.13
C PHE B 153 -12.47 22.21 13.24
N ASN B 154 -12.68 23.37 13.88
CA ASN B 154 -13.09 24.59 13.17
C ASN B 154 -11.88 25.49 13.03
N ASP B 155 -12.03 26.64 12.41
CA ASP B 155 -10.91 27.54 12.17
C ASP B 155 -10.00 27.80 13.41
N ALA B 156 -10.64 28.05 14.56
CA ALA B 156 -9.95 28.35 15.80
C ALA B 156 -9.21 27.14 16.44
N GLN B 157 -9.85 26.00 16.50
CA GLN B 157 -9.20 24.79 17.02
C GLN B 157 -8.00 24.37 16.14
N ARG B 158 -8.13 24.54 14.82
CA ARG B 158 -7.00 24.37 13.88
C ARG B 158 -5.86 25.38 14.08
N GLN B 159 -6.19 26.67 14.18
CA GLN B 159 -5.12 27.67 14.42
C GLN B 159 -4.46 27.52 15.79
N ALA B 160 -5.30 27.43 16.81
CA ALA B 160 -4.85 27.00 18.15
C ALA B 160 -3.86 25.83 18.10
N THR B 161 -4.14 24.85 17.25
CA THR B 161 -3.25 23.69 17.12
C THR B 161 -1.90 24.04 16.47
N LYS B 162 -1.92 24.94 15.48
CA LYS B 162 -0.69 25.40 14.81
C LYS B 162 0.14 26.20 15.79
N ASP B 163 -0.57 26.98 16.62
CA ASP B 163 0.05 27.77 17.67
C ASP B 163 0.66 26.89 18.75
N ALA B 164 0.07 25.75 19.06
CA ALA B 164 0.73 24.76 19.96
C ALA B 164 2.09 24.38 19.40
N GLY B 165 2.14 24.05 18.12
CA GLY B 165 3.38 23.75 17.43
C GLY B 165 4.39 24.86 17.56
N THR B 166 3.98 26.08 17.24
CA THR B 166 4.87 27.24 17.28
C THR B 166 5.51 27.32 18.65
N ILE B 167 4.67 27.30 19.70
CA ILE B 167 5.15 27.39 21.09
C ILE B 167 6.20 26.31 21.35
N ALA B 168 5.99 25.13 20.77
CA ALA B 168 6.84 23.97 20.99
C ALA B 168 8.05 23.89 20.07
N GLY B 169 8.29 24.96 19.28
CA GLY B 169 9.39 25.01 18.33
C GLY B 169 9.15 24.39 16.96
N LEU B 170 7.90 24.05 16.65
CA LEU B 170 7.61 23.44 15.35
C LEU B 170 6.88 24.41 14.45
N ASN B 171 7.42 24.57 13.25
CA ASN B 171 6.71 25.14 12.14
C ASN B 171 5.77 24.04 11.65
N VAL B 172 4.47 24.15 11.97
CA VAL B 172 3.50 23.18 11.44
C VAL B 172 3.14 23.60 10.01
N MET B 173 3.58 22.76 9.07
CA MET B 173 3.52 22.99 7.64
C MET B 173 2.16 22.66 7.11
N ARG B 174 1.51 21.63 7.66
CA ARG B 174 0.16 21.29 7.26
C ARG B 174 -0.62 20.79 8.43
N ILE B 175 -1.91 21.14 8.50
CA ILE B 175 -2.88 20.43 9.34
C ILE B 175 -3.74 19.49 8.45
N ILE B 176 -3.74 18.18 8.76
CA ILE B 176 -4.55 17.25 7.98
C ILE B 176 -5.64 16.64 8.87
N ASN B 177 -6.81 16.38 8.31
CA ASN B 177 -7.82 15.67 9.05
C ASN B 177 -7.35 14.28 9.50
N GLU B 178 -7.66 13.94 10.75
CA GLU B 178 -7.34 12.61 11.30
C GLU B 178 -7.83 11.40 10.49
N PRO B 179 -9.12 11.37 10.06
CA PRO B 179 -9.56 10.23 9.22
C PRO B 179 -8.90 10.18 7.82
N THR B 180 -8.60 11.33 7.25
CA THR B 180 -7.99 11.38 5.93
C THR B 180 -6.57 10.80 5.98
N ALA B 181 -5.85 11.13 7.05
CA ALA B 181 -4.52 10.65 7.34
C ALA B 181 -4.48 9.15 7.50
N ALA B 182 -5.55 8.56 8.02
CA ALA B 182 -5.58 7.10 8.24
C ALA B 182 -5.83 6.36 6.91
N ALA B 183 -6.72 6.93 6.13
CA ALA B 183 -6.89 6.58 4.73
C ALA B 183 -5.54 6.65 3.95
N ILE B 184 -4.79 7.75 4.12
CA ILE B 184 -3.42 7.86 3.58
C ILE B 184 -2.45 6.77 4.10
N ALA B 185 -2.47 6.53 5.42
CA ALA B 185 -1.76 5.38 5.99
C ALA B 185 -2.04 4.09 5.19
N TYR B 186 -3.29 3.90 4.77
CA TYR B 186 -3.68 2.68 4.07
C TYR B 186 -3.58 2.74 2.56
N GLY B 187 -3.06 3.85 2.02
CA GLY B 187 -2.91 3.99 0.59
C GLY B 187 -4.24 4.12 -0.15
N LEU B 188 -5.28 4.59 0.51
CA LEU B 188 -6.56 4.70 -0.18
C LEU B 188 -6.56 5.91 -1.13
N ASP B 189 -5.54 6.75 -1.02
CA ASP B 189 -5.33 7.84 -1.97
C ASP B 189 -4.85 7.38 -3.37
N LYS B 190 -4.34 6.14 -3.46
CA LYS B 190 -3.79 5.58 -4.71
C LYS B 190 -4.87 4.84 -5.52
N ARG B 191 -6.13 5.11 -5.17
CA ARG B 191 -7.27 4.40 -5.77
C ARG B 191 -8.06 5.19 -6.83
N GLU B 192 -7.80 4.81 -8.08
CA GLU B 192 -8.53 5.17 -9.27
C GLU B 192 -10.02 4.89 -9.07
N GLY B 193 -10.84 5.94 -9.11
CA GLY B 193 -12.31 5.82 -9.08
C GLY B 193 -12.95 6.39 -7.84
N GLU B 194 -14.07 7.09 -7.96
CA GLU B 194 -14.81 7.60 -6.78
C GLU B 194 -15.17 6.49 -5.77
N LYS B 195 -14.52 6.53 -4.60
CA LYS B 195 -14.67 5.47 -3.57
C LYS B 195 -15.22 6.03 -2.27
N ASN B 196 -16.18 5.33 -1.67
CA ASN B 196 -16.71 5.75 -0.37
C ASN B 196 -15.92 5.17 0.82
N ILE B 197 -15.47 6.05 1.72
CA ILE B 197 -14.73 5.57 2.89
C ILE B 197 -15.31 5.91 4.27
N LEU B 198 -15.75 4.86 4.97
CA LEU B 198 -16.10 5.00 6.38
C LEU B 198 -14.89 4.78 7.29
N VAL B 199 -14.48 5.83 7.99
CA VAL B 199 -13.44 5.71 9.01
C VAL B 199 -14.13 5.49 10.37
N PHE B 200 -13.75 4.41 11.05
CA PHE B 200 -14.30 4.07 12.37
C PHE B 200 -13.23 4.29 13.44
N ASP B 201 -13.46 5.26 14.29
CA ASP B 201 -12.40 5.72 15.17
C ASP B 201 -12.82 5.78 16.64
N LEU B 202 -12.48 4.71 17.36
CA LEU B 202 -12.81 4.57 18.77
C LEU B 202 -11.52 4.53 19.60
N GLY B 203 -11.17 5.67 20.17
CA GLY B 203 -9.90 5.81 20.88
C GLY B 203 -10.13 5.84 22.38
N GLY B 204 -9.25 6.53 23.11
CA GLY B 204 -9.29 6.46 24.58
C GLY B 204 -10.52 7.10 25.18
N GLY B 205 -10.96 8.18 24.54
CA GLY B 205 -11.96 9.10 25.11
C GLY B 205 -13.00 9.62 24.13
N THR B 206 -12.69 9.53 22.85
CA THR B 206 -13.60 9.92 21.77
C THR B 206 -13.97 8.81 20.80
N PHE B 207 -15.14 8.97 20.19
CA PHE B 207 -15.59 8.05 19.17
C PHE B 207 -16.01 8.81 17.93
N ASP B 208 -15.21 8.74 16.88
CA ASP B 208 -15.62 9.46 15.66
C ASP B 208 -15.94 8.55 14.50
N VAL B 209 -16.92 8.94 13.69
CA VAL B 209 -17.15 8.24 12.44
C VAL B 209 -17.20 9.26 11.36
N SER B 210 -16.30 9.08 10.38
CA SER B 210 -16.28 9.98 9.24
C SER B 210 -16.58 9.20 7.95
N LEU B 211 -17.31 9.86 7.06
CA LEU B 211 -17.44 9.36 5.69
C LEU B 211 -16.67 10.31 4.78
N LEU B 212 -15.63 9.78 4.17
CA LEU B 212 -14.88 10.50 3.15
C LEU B 212 -15.07 9.88 1.77
N THR B 213 -15.12 10.71 0.74
CA THR B 213 -14.97 10.22 -0.63
C THR B 213 -13.57 10.52 -1.19
N ILE B 214 -13.10 9.63 -2.04
CA ILE B 214 -11.81 9.79 -2.68
C ILE B 214 -11.99 9.67 -4.20
N ASP B 215 -11.51 10.66 -4.95
CA ASP B 215 -11.58 10.65 -6.40
C ASP B 215 -10.43 11.43 -7.02
N ASN B 216 -9.80 10.87 -8.05
CA ASN B 216 -8.59 11.48 -8.65
C ASN B 216 -7.56 11.90 -7.58
N GLY B 217 -7.34 11.03 -6.58
CA GLY B 217 -6.48 11.31 -5.41
C GLY B 217 -6.82 12.56 -4.61
N VAL B 218 -8.10 12.90 -4.53
CA VAL B 218 -8.59 14.04 -3.77
C VAL B 218 -9.58 13.56 -2.73
N PHE B 219 -9.31 13.89 -1.48
CA PHE B 219 -10.15 13.50 -0.35
C PHE B 219 -11.25 14.51 -0.08
N GLU B 220 -12.40 13.99 0.30
CA GLU B 220 -13.44 14.88 0.81
C GLU B 220 -14.14 14.25 1.99
N VAL B 221 -14.46 15.12 2.96
CA VAL B 221 -15.24 14.75 4.12
C VAL B 221 -16.69 15.16 3.86
N VAL B 222 -17.50 14.12 3.64
CA VAL B 222 -18.91 14.22 3.39
C VAL B 222 -19.66 14.36 4.70
N ALA B 223 -19.43 13.45 5.64
CA ALA B 223 -20.10 13.54 6.95
C ALA B 223 -19.29 13.05 8.15
N THR B 224 -19.50 13.75 9.26
CA THR B 224 -18.91 13.40 10.54
C THR B 224 -20.04 13.23 11.55
N ASN B 225 -19.99 12.10 12.25
CA ASN B 225 -20.77 11.84 13.46
C ASN B 225 -19.86 11.13 14.51
N GLY B 226 -20.49 10.61 15.58
CA GLY B 226 -19.79 9.95 16.70
C GLY B 226 -20.36 10.33 18.07
N ASP B 227 -19.56 10.08 19.11
CA ASP B 227 -19.91 10.41 20.49
C ASP B 227 -18.63 10.92 21.15
N THR B 228 -18.64 12.20 21.57
CA THR B 228 -17.42 12.84 22.10
C THR B 228 -16.93 12.28 23.45
N HIS B 229 -17.78 11.44 24.02
CA HIS B 229 -17.57 10.89 25.34
C HIS B 229 -17.85 9.41 25.28
N LEU B 230 -17.15 8.74 24.37
CA LEU B 230 -17.21 7.30 24.27
C LEU B 230 -15.86 6.81 23.85
N GLY B 231 -15.33 5.82 24.53
CA GLY B 231 -14.05 5.26 24.13
C GLY B 231 -13.59 4.20 25.12
N GLY B 232 -12.30 3.85 25.05
CA GLY B 232 -11.66 2.84 25.89
C GLY B 232 -11.70 3.03 27.40
N GLU B 233 -11.64 4.28 27.85
CA GLU B 233 -11.62 4.62 29.28
C GLU B 233 -12.94 4.38 29.98
N ASP B 234 -14.02 4.51 29.22
CA ASP B 234 -15.35 4.17 29.65
C ASP B 234 -15.58 2.67 29.77
N PHE B 235 -14.89 1.91 28.94
CA PHE B 235 -14.87 0.45 29.06
C PHE B 235 -14.12 0.02 30.31
N ASP B 236 -13.02 0.73 30.58
CA ASP B 236 -12.21 0.62 31.77
C ASP B 236 -13.00 0.88 33.06
N GLN B 237 -13.61 2.05 33.09
CA GLN B 237 -14.48 2.53 34.15
C GLN B 237 -15.69 1.63 34.48
N ARG B 238 -16.16 0.84 33.51
CA ARG B 238 -17.31 -0.06 33.70
C ARG B 238 -16.87 -1.31 34.43
N VAL B 239 -15.58 -1.61 34.30
CA VAL B 239 -14.99 -2.79 34.89
C VAL B 239 -14.42 -2.40 36.28
N MET B 240 -14.11 -1.12 36.44
CA MET B 240 -13.70 -0.65 37.74
C MET B 240 -14.91 -0.75 38.67
N GLU B 241 -16.02 -0.13 38.26
CA GLU B 241 -17.32 -0.32 38.94
C GLU B 241 -17.55 -1.77 39.29
N HIS B 242 -17.44 -2.66 38.32
CA HIS B 242 -17.51 -4.10 38.57
C HIS B 242 -16.71 -4.52 39.83
N PHE B 243 -15.42 -4.23 39.84
CA PHE B 243 -14.55 -4.72 40.91
C PHE B 243 -14.58 -3.89 42.19
N ILE B 244 -15.05 -2.65 42.07
CA ILE B 244 -15.28 -1.79 43.21
C ILE B 244 -16.48 -2.30 44.01
N LYS B 245 -17.61 -2.52 43.32
CA LYS B 245 -18.77 -3.24 43.84
C LYS B 245 -18.36 -4.59 44.47
N LEU B 246 -17.80 -5.48 43.65
CA LEU B 246 -17.41 -6.81 44.12
C LEU B 246 -16.62 -6.72 45.44
N TYR B 247 -15.49 -6.03 45.40
CA TYR B 247 -14.66 -5.75 46.57
C TYR B 247 -15.49 -5.35 47.80
N LYS B 248 -16.24 -4.24 47.71
CA LYS B 248 -17.14 -3.79 48.79
C LYS B 248 -18.17 -4.83 49.23
N LYS B 249 -18.35 -5.91 48.47
CA LYS B 249 -19.15 -7.04 48.96
C LYS B 249 -18.32 -7.86 49.94
N LYS B 250 -17.14 -8.30 49.48
CA LYS B 250 -16.19 -9.07 50.32
C LYS B 250 -15.65 -8.25 51.51
N THR B 251 -14.49 -7.64 51.31
CA THR B 251 -13.80 -6.78 52.30
C THR B 251 -14.70 -5.82 53.10
N GLY B 252 -15.80 -5.39 52.48
CA GLY B 252 -16.74 -4.46 53.09
C GLY B 252 -16.30 -3.02 52.95
N LYS B 253 -15.12 -2.79 52.39
CA LYS B 253 -14.59 -1.43 52.22
C LYS B 253 -14.93 -0.86 50.83
N ASP B 254 -14.86 0.46 50.69
CA ASP B 254 -14.85 1.07 49.35
C ASP B 254 -13.54 1.83 49.10
N VAL B 255 -12.96 1.59 47.93
CA VAL B 255 -11.59 2.01 47.64
C VAL B 255 -11.48 3.42 47.09
N ARG B 256 -12.60 4.01 46.69
CA ARG B 256 -12.61 5.36 46.10
C ARG B 256 -12.05 6.39 47.09
N LYS B 257 -12.15 6.06 48.38
CA LYS B 257 -11.51 6.81 49.49
C LYS B 257 -9.98 6.97 49.35
N ASP B 258 -9.33 6.00 48.70
CA ASP B 258 -7.94 6.15 48.29
C ASP B 258 -7.83 6.45 46.79
N ASN B 259 -7.19 7.57 46.48
CA ASN B 259 -6.89 7.94 45.09
C ASN B 259 -5.80 7.07 44.46
N ARG B 260 -4.81 6.65 45.26
CA ARG B 260 -3.80 5.74 44.72
C ARG B 260 -4.33 4.31 44.51
N ALA B 261 -5.27 3.86 45.32
CA ALA B 261 -5.89 2.55 45.11
C ALA B 261 -6.79 2.61 43.88
N VAL B 262 -7.31 3.79 43.60
CA VAL B 262 -8.10 3.95 42.42
C VAL B 262 -7.25 4.03 41.13
N GLN B 263 -6.20 4.84 41.12
CA GLN B 263 -5.31 4.93 39.96
C GLN B 263 -4.39 3.70 39.78
N LYS B 264 -4.27 2.85 40.82
CA LYS B 264 -3.60 1.53 40.69
C LYS B 264 -4.54 0.52 40.00
N LEU B 265 -5.81 0.49 40.40
CA LEU B 265 -6.78 -0.44 39.81
C LEU B 265 -7.06 -0.04 38.38
N ARG B 266 -7.00 1.25 38.07
CA ARG B 266 -7.22 1.72 36.70
C ARG B 266 -6.09 1.25 35.78
N ARG B 267 -4.85 1.39 36.26
CA ARG B 267 -3.67 0.97 35.53
C ARG B 267 -3.64 -0.55 35.26
N GLU B 268 -3.96 -1.36 36.27
CA GLU B 268 -4.11 -2.79 36.09
C GLU B 268 -5.34 -3.16 35.28
N VAL B 269 -6.42 -2.37 35.37
CA VAL B 269 -7.67 -2.67 34.65
C VAL B 269 -7.53 -2.46 33.12
N GLU B 270 -6.87 -1.36 32.73
CA GLU B 270 -6.50 -1.10 31.33
C GLU B 270 -5.62 -2.24 30.81
N LYS B 271 -4.68 -2.67 31.65
CA LYS B 271 -3.76 -3.78 31.30
C LYS B 271 -4.62 -5.02 30.99
N ALA B 272 -5.49 -5.40 31.93
CA ALA B 272 -6.38 -6.52 31.71
C ALA B 272 -7.06 -6.33 30.38
N LYS B 273 -7.92 -5.29 30.26
CA LYS B 273 -8.73 -5.03 29.07
C LYS B 273 -8.05 -5.39 27.76
N ARG B 274 -6.83 -4.91 27.59
CA ARG B 274 -6.07 -5.14 26.40
C ARG B 274 -5.83 -6.62 26.13
N ALA B 275 -5.52 -7.40 27.17
CA ALA B 275 -5.33 -8.86 27.02
C ALA B 275 -6.62 -9.63 26.63
N LEU B 276 -7.79 -9.17 27.07
CA LEU B 276 -9.06 -9.84 26.76
C LEU B 276 -9.63 -9.64 25.33
N SER B 277 -8.80 -9.11 24.44
CA SER B 277 -9.14 -8.96 23.03
C SER B 277 -8.31 -9.97 22.25
N SER B 278 -7.26 -10.44 22.91
CA SER B 278 -6.35 -11.43 22.38
C SER B 278 -6.65 -12.80 22.98
N GLN B 279 -7.12 -12.81 24.23
CA GLN B 279 -7.43 -14.05 24.97
C GLN B 279 -8.70 -13.93 25.83
N HIS B 280 -9.11 -15.03 26.47
CA HIS B 280 -10.35 -15.07 27.27
C HIS B 280 -10.15 -14.81 28.78
N GLN B 281 -8.90 -14.60 29.19
CA GLN B 281 -8.53 -14.52 30.61
C GLN B 281 -7.60 -13.37 30.97
N ALA B 282 -8.03 -12.55 31.92
CA ALA B 282 -7.10 -11.67 32.63
C ALA B 282 -7.15 -11.86 34.16
N ARG B 283 -5.97 -11.84 34.78
CA ARG B 283 -5.86 -11.72 36.24
C ARG B 283 -5.26 -10.36 36.66
N ILE B 284 -6.00 -9.67 37.51
CA ILE B 284 -5.61 -8.32 37.98
C ILE B 284 -4.91 -8.44 39.34
N GLU B 285 -3.71 -7.87 39.43
CA GLU B 285 -2.90 -8.03 40.62
C GLU B 285 -2.26 -6.74 41.21
N ILE B 286 -2.78 -6.33 42.37
CA ILE B 286 -2.27 -5.18 43.12
C ILE B 286 -1.89 -5.61 44.54
N GLU B 287 -0.61 -5.50 44.86
CA GLU B 287 -0.11 -5.84 46.18
C GLU B 287 -0.23 -4.59 47.03
N SER B 288 -0.89 -4.72 48.18
CA SER B 288 -1.00 -3.59 49.09
C SER B 288 -1.98 -2.62 48.43
N PHE B 289 -3.15 -3.15 48.06
CA PHE B 289 -4.10 -2.39 47.24
C PHE B 289 -4.85 -1.32 48.04
N TYR B 290 -5.65 -1.75 49.01
CA TYR B 290 -6.39 -0.86 49.89
C TYR B 290 -6.22 -1.27 51.34
N GLU B 291 -5.59 -0.40 52.13
CA GLU B 291 -5.37 -0.64 53.56
C GLU B 291 -4.42 -1.82 53.72
N GLY B 292 -3.33 -1.77 52.94
CA GLY B 292 -2.35 -2.85 52.86
C GLY B 292 -2.84 -4.24 52.44
N GLU B 293 -4.15 -4.42 52.23
CA GLU B 293 -4.65 -5.69 51.72
C GLU B 293 -4.41 -5.84 50.20
N ASP B 294 -4.16 -7.09 49.80
CA ASP B 294 -3.68 -7.44 48.46
C ASP B 294 -4.84 -7.81 47.51
N PHE B 295 -4.83 -7.22 46.31
CA PHE B 295 -5.88 -7.45 45.31
C PHE B 295 -5.47 -8.50 44.27
N SER B 296 -6.31 -9.53 44.16
CA SER B 296 -6.15 -10.58 43.15
C SER B 296 -7.48 -11.12 42.61
N GLU B 297 -7.94 -10.58 41.49
CA GLU B 297 -9.19 -11.08 40.89
C GLU B 297 -9.01 -11.39 39.38
N THR B 298 -9.97 -12.09 38.76
CA THR B 298 -9.89 -12.29 37.29
C THR B 298 -11.05 -11.63 36.51
N LEU B 299 -10.99 -11.72 35.19
CA LEU B 299 -12.03 -11.20 34.31
C LEU B 299 -12.06 -12.04 33.03
N THR B 300 -13.28 -12.37 32.63
CA THR B 300 -13.50 -13.08 31.39
C THR B 300 -13.92 -12.06 30.31
N ARG B 301 -13.65 -12.37 29.04
CA ARG B 301 -14.20 -11.65 27.89
C ARG B 301 -15.71 -11.53 28.05
N ALA B 302 -16.37 -12.65 28.33
CA ALA B 302 -17.83 -12.66 28.58
C ALA B 302 -18.24 -11.56 29.55
N LYS B 303 -17.54 -11.56 30.71
CA LYS B 303 -17.79 -10.58 31.76
C LYS B 303 -17.57 -9.19 31.19
N PHE B 304 -16.36 -8.97 30.69
CA PHE B 304 -15.95 -7.74 30.02
C PHE B 304 -16.95 -7.26 28.95
N GLU B 305 -17.47 -8.19 28.15
CA GLU B 305 -18.41 -7.85 27.07
C GLU B 305 -19.76 -7.50 27.62
N GLU B 306 -20.22 -8.23 28.63
CA GLU B 306 -21.57 -7.98 29.13
C GLU B 306 -21.63 -6.66 29.89
N LEU B 307 -20.54 -6.37 30.61
CA LEU B 307 -20.38 -5.10 31.31
C LEU B 307 -20.50 -3.92 30.33
N ASN B 308 -19.96 -4.10 29.13
CA ASN B 308 -19.82 -3.06 28.12
C ASN B 308 -20.75 -3.10 26.89
N MET B 309 -21.51 -4.19 26.75
CA MET B 309 -22.32 -4.47 25.56
C MET B 309 -23.36 -3.44 25.15
N ASP B 310 -23.86 -2.65 26.08
CA ASP B 310 -24.77 -1.58 25.69
C ASP B 310 -24.01 -0.40 25.04
N LEU B 311 -22.74 -0.24 25.40
CA LEU B 311 -21.94 0.88 24.84
C LEU B 311 -21.32 0.46 23.52
N PHE B 312 -21.01 -0.82 23.40
CA PHE B 312 -20.58 -1.40 22.13
C PHE B 312 -21.67 -1.27 21.07
N ARG B 313 -22.86 -1.77 21.36
CA ARG B 313 -24.00 -1.67 20.46
C ARG B 313 -24.56 -0.25 20.34
N SER B 314 -23.81 0.75 20.80
CA SER B 314 -24.26 2.15 20.71
C SER B 314 -23.47 2.92 19.66
N THR B 315 -22.31 2.36 19.33
CA THR B 315 -21.39 2.96 18.39
C THR B 315 -22.04 2.94 17.01
N MET B 316 -23.05 2.09 16.85
CA MET B 316 -23.70 1.81 15.55
C MET B 316 -24.66 2.90 15.11
N LYS B 317 -25.32 3.54 16.05
CA LYS B 317 -26.26 4.63 15.70
C LYS B 317 -25.56 5.68 14.82
N PRO B 318 -24.49 6.36 15.33
CA PRO B 318 -23.67 7.28 14.53
C PRO B 318 -23.23 6.77 13.16
N VAL B 319 -23.11 5.45 13.00
CA VAL B 319 -22.80 4.91 11.68
C VAL B 319 -24.04 5.01 10.77
N GLN B 320 -25.21 4.63 11.27
CA GLN B 320 -26.40 4.73 10.46
C GLN B 320 -26.77 6.19 10.17
N LYS B 321 -26.52 7.09 11.12
CA LYS B 321 -26.83 8.51 10.94
C LYS B 321 -25.93 9.18 9.91
N VAL B 322 -24.69 8.72 9.80
CA VAL B 322 -23.68 9.36 8.96
C VAL B 322 -23.84 8.89 7.51
N LEU B 323 -24.61 7.83 7.33
CA LEU B 323 -24.89 7.31 6.02
C LEU B 323 -26.13 8.00 5.47
N GLU B 324 -26.97 8.49 6.38
CA GLU B 324 -28.13 9.29 6.00
C GLU B 324 -27.75 10.75 5.71
N ASP B 325 -26.71 11.23 6.38
CA ASP B 325 -26.21 12.57 6.09
C ASP B 325 -25.39 12.58 4.80
N SER B 326 -24.88 11.40 4.40
CA SER B 326 -24.14 11.25 3.14
C SER B 326 -25.00 10.65 2.01
N ASP B 327 -26.28 10.41 2.31
CA ASP B 327 -27.28 9.84 1.38
C ASP B 327 -26.74 8.56 0.76
N LEU B 328 -26.38 7.61 1.63
CA LEU B 328 -25.70 6.38 1.19
C LEU B 328 -26.29 5.12 1.80
N LYS B 329 -26.20 4.01 1.06
CA LYS B 329 -26.55 2.68 1.58
C LYS B 329 -25.27 2.09 2.14
N LYS B 330 -25.38 1.05 2.96
CA LYS B 330 -24.17 0.41 3.49
C LYS B 330 -23.45 -0.38 2.41
N SER B 331 -24.20 -0.78 1.39
CA SER B 331 -23.64 -1.41 0.19
C SER B 331 -22.64 -0.49 -0.53
N ASP B 332 -22.94 0.81 -0.48
CA ASP B 332 -22.09 1.89 -1.00
C ASP B 332 -20.67 1.95 -0.39
N ILE B 333 -20.52 1.62 0.89
CA ILE B 333 -19.21 1.60 1.54
C ILE B 333 -18.21 0.67 0.84
N ASP B 334 -17.24 1.26 0.18
CA ASP B 334 -16.21 0.49 -0.48
C ASP B 334 -15.04 0.12 0.42
N GLU B 335 -14.83 0.97 1.42
CA GLU B 335 -13.66 0.90 2.30
C GLU B 335 -14.06 1.23 3.72
N ILE B 336 -13.82 0.27 4.62
CA ILE B 336 -13.97 0.47 6.07
C ILE B 336 -12.58 0.54 6.72
N VAL B 337 -12.38 1.54 7.57
CA VAL B 337 -11.10 1.76 8.25
C VAL B 337 -11.26 1.87 9.78
N LEU B 338 -10.56 0.99 10.49
CA LEU B 338 -10.64 0.99 11.95
C LEU B 338 -9.50 1.81 12.51
N VAL B 339 -9.83 2.74 13.40
CA VAL B 339 -8.83 3.63 13.99
C VAL B 339 -9.02 3.68 15.52
N GLY B 340 -7.92 3.85 16.26
CA GLY B 340 -7.94 3.86 17.73
C GLY B 340 -7.73 2.49 18.39
N GLY B 341 -6.88 2.42 19.41
CA GLY B 341 -6.66 1.14 20.11
C GLY B 341 -7.91 0.34 20.44
N SER B 342 -9.05 1.01 20.65
CA SER B 342 -10.22 0.26 21.10
C SER B 342 -10.82 -0.65 20.03
N THR B 343 -10.46 -0.36 18.78
CA THR B 343 -10.90 -1.18 17.63
C THR B 343 -10.37 -2.62 17.69
N ARG B 344 -9.26 -2.85 18.40
CA ARG B 344 -8.80 -4.23 18.75
C ARG B 344 -9.80 -5.19 19.43
N ILE B 345 -10.92 -4.67 19.91
CA ILE B 345 -11.86 -5.41 20.73
C ILE B 345 -12.77 -6.23 19.83
N PRO B 346 -12.63 -7.58 19.90
CA PRO B 346 -13.38 -8.55 19.15
C PRO B 346 -14.84 -8.17 18.95
N LYS B 347 -15.54 -7.80 20.03
CA LYS B 347 -16.96 -7.47 19.88
C LYS B 347 -17.20 -6.17 19.10
N ILE B 348 -16.17 -5.32 19.08
CA ILE B 348 -16.14 -4.14 18.24
C ILE B 348 -15.85 -4.55 16.79
N GLN B 349 -14.79 -5.31 16.56
CA GLN B 349 -14.46 -5.83 15.22
C GLN B 349 -15.49 -6.81 14.67
N GLN B 350 -16.52 -7.10 15.47
CA GLN B 350 -17.61 -7.96 15.10
C GLN B 350 -18.82 -7.08 14.86
N LEU B 351 -19.18 -6.27 15.85
CA LEU B 351 -20.32 -5.38 15.72
C LEU B 351 -20.29 -4.64 14.40
N VAL B 352 -19.07 -4.30 13.93
CA VAL B 352 -18.88 -3.46 12.74
C VAL B 352 -18.95 -4.30 11.48
N LYS B 353 -18.13 -5.34 11.43
CA LYS B 353 -18.15 -6.30 10.33
C LYS B 353 -19.60 -6.68 10.06
N GLU B 354 -20.20 -7.41 10.99
CA GLU B 354 -21.59 -7.87 10.91
C GLU B 354 -22.62 -6.79 10.55
N PHE B 355 -22.28 -5.53 10.80
CA PHE B 355 -23.12 -4.39 10.39
C PHE B 355 -23.05 -4.11 8.88
N PHE B 356 -21.88 -4.40 8.28
CA PHE B 356 -21.65 -4.34 6.83
C PHE B 356 -21.51 -5.82 6.39
N ASN B 357 -22.58 -6.56 6.65
CA ASN B 357 -22.74 -7.97 6.28
C ASN B 357 -21.47 -8.74 5.93
N GLY B 358 -20.51 -8.78 6.86
CA GLY B 358 -19.31 -9.60 6.66
C GLY B 358 -18.16 -8.88 5.96
N LYS B 359 -18.42 -7.68 5.45
CA LYS B 359 -17.37 -6.88 4.83
C LYS B 359 -16.24 -6.69 5.83
N GLU B 360 -15.11 -7.35 5.57
CA GLU B 360 -13.91 -7.18 6.37
C GLU B 360 -13.30 -5.79 6.15
N PRO B 361 -13.01 -5.05 7.25
CA PRO B 361 -12.24 -3.77 7.17
C PRO B 361 -10.76 -4.01 6.84
N SER B 362 -10.05 -2.95 6.43
CA SER B 362 -8.62 -3.06 6.11
C SER B 362 -7.88 -3.47 7.36
N ARG B 363 -6.81 -4.24 7.17
CA ARG B 363 -5.97 -4.73 8.25
C ARG B 363 -4.55 -4.32 7.92
N GLY B 364 -3.63 -4.44 8.87
CA GLY B 364 -2.20 -4.32 8.57
C GLY B 364 -1.40 -3.20 9.22
N ILE B 365 -2.09 -2.12 9.62
CA ILE B 365 -1.45 -1.05 10.39
C ILE B 365 -2.07 -0.95 11.78
N ASN B 366 -1.24 -0.89 12.83
CA ASN B 366 -1.68 -0.66 14.21
C ASN B 366 -2.72 0.47 14.23
N PRO B 367 -3.93 0.18 14.75
CA PRO B 367 -4.99 1.20 14.67
C PRO B 367 -4.63 2.39 15.53
N ASP B 368 -3.72 2.13 16.48
CA ASP B 368 -3.00 3.14 17.26
C ASP B 368 -2.31 4.19 16.42
N GLU B 369 -1.68 3.71 15.35
CA GLU B 369 -0.56 4.40 14.73
C GLU B 369 -0.99 4.91 13.37
N ALA B 370 -2.08 4.36 12.86
CA ALA B 370 -2.63 4.69 11.55
C ALA B 370 -2.51 6.16 11.18
N VAL B 371 -2.99 7.06 12.06
CA VAL B 371 -3.13 8.49 11.73
C VAL B 371 -1.80 9.26 11.78
N ALA B 372 -0.98 8.92 12.76
CA ALA B 372 0.41 9.34 12.75
C ALA B 372 1.09 8.79 11.51
N TYR B 373 0.72 7.58 11.14
CA TYR B 373 1.26 6.95 9.93
C TYR B 373 0.99 7.85 8.74
N GLY B 374 -0.28 8.14 8.47
CA GLY B 374 -0.67 9.07 7.42
C GLY B 374 0.16 10.34 7.40
N ALA B 375 0.28 10.98 8.57
CA ALA B 375 1.01 12.20 8.77
C ALA B 375 2.48 12.11 8.38
N ALA B 376 3.19 11.10 8.88
CA ALA B 376 4.58 10.77 8.49
C ALA B 376 4.77 10.56 6.97
N VAL B 377 3.81 9.87 6.32
CA VAL B 377 3.73 9.77 4.85
C VAL B 377 3.71 11.17 4.14
N GLN B 378 2.82 12.07 4.56
CA GLN B 378 2.78 13.45 4.04
C GLN B 378 4.03 14.22 4.45
N ALA B 379 4.68 13.75 5.51
CA ALA B 379 5.88 14.42 6.05
C ALA B 379 7.09 14.13 5.20
N GLY B 380 7.15 12.90 4.70
CA GLY B 380 8.30 12.41 3.94
C GLY B 380 8.35 13.13 2.60
N VAL B 381 7.18 13.32 2.01
CA VAL B 381 7.00 14.07 0.76
C VAL B 381 7.59 15.43 0.95
N LEU B 382 7.22 16.09 2.04
CA LEU B 382 7.65 17.46 2.31
C LEU B 382 9.11 17.56 2.64
N SER B 383 9.68 16.60 3.36
CA SER B 383 11.12 16.58 3.74
C SER B 383 12.10 17.08 2.67
N1 3P1 C . -6.54 -6.75 -23.67
C2 3P1 C . -6.02 -7.89 -24.16
N3 3P1 C . -4.70 -8.02 -24.32
C4 3P1 C . -5.73 -5.71 -23.34
N5 3P1 C . -2.56 -6.87 -24.07
C6 3P1 C . -2.22 -5.65 -23.60
N7 3P1 C . -3.35 -5.00 -23.26
C8 3P1 C . -4.38 -5.82 -23.51
C9 3P1 C . -3.86 -7.00 -24.00
C10 3P1 C . -1.65 -7.87 -24.52
O11 3P1 C . -0.54 -7.94 -23.62
C12 3P1 C . 0.55 -8.57 -24.40
C13 3P1 C . 0.23 -8.24 -25.87
C14 3P1 C . -1.02 -7.40 -25.79
N15 3P1 C . -6.24 -4.59 -22.85
N16 3P1 C . -0.97 -5.16 -23.52
C17 3P1 C . -0.73 -3.79 -23.13
C18 3P1 C . -0.64 -2.92 -24.37
N19 3P1 C . -1.39 -1.78 -24.43
C20 3P1 C . 0.26 -2.45 -26.53
C21 3P1 C . 0.19 -3.26 -25.41
C22 3P1 C . -0.51 -1.30 -26.61
C23 3P1 C . -1.33 -0.97 -25.54
C24 3P1 C . -2.12 0.20 -25.59
C25 3P1 C . -2.05 1.03 -26.72
C26 3P1 C . -1.23 0.70 -27.78
C27 3P1 C . -0.44 -0.47 -27.73
C28 3P1 C . 1.89 -7.91 -24.04
O29 3P1 C . 1.75 -6.48 -24.09
O30 3P1 C . -0.05 -9.44 -26.56
O31 3P1 C . -1.91 -7.70 -26.91
N1 3P1 D . -7.61 -4.02 23.47
C2 3P1 D . -8.55 -3.17 23.88
N3 3P1 D . -8.30 -1.87 23.99
C4 3P1 D . -6.40 -3.58 23.14
N5 3P1 D . -6.59 -0.14 23.67
C6 3P1 D . -5.32 -0.21 23.26
N7 3P1 D . -5.04 -1.51 22.98
C8 3P1 D . -6.12 -2.24 23.23
C9 3P1 D . -7.09 -1.38 23.67
C10 3P1 D . -7.30 1.09 24.08
O11 3P1 D . -7.03 2.14 23.13
C12 3P1 D . -7.35 3.41 23.87
C13 3P1 D . -7.20 3.06 25.36
C14 3P1 D . -6.71 1.63 25.36
N15 3P1 D . -5.47 -4.45 22.75
N16 3P1 D . -4.48 0.79 23.16
C17 3P1 D . -3.08 0.55 22.79
C18 3P1 D . -2.21 0.54 24.04
N19 3P1 D . -0.97 -0.02 23.98
C20 3P1 D . -1.87 1.13 26.36
C21 3P1 D . -2.67 1.13 25.22
C22 3P1 D . -0.61 0.54 26.29
C23 3P1 D . -0.17 -0.05 25.08
C24 3P1 D . 1.11 -0.63 25.02
C25 3P1 D . 1.93 -0.64 26.16
C26 3P1 D . 1.48 -0.05 27.36
C27 3P1 D . 0.21 0.54 27.42
C28 3P1 D . -6.37 4.48 23.48
O29 3P1 D . -5.07 3.92 23.40
O30 3P1 D . -8.49 3.12 25.99
O31 3P1 D . -7.24 0.91 26.51
#